data_4ZPV
#
_entry.id   4ZPV
#
_cell.length_a   76.181
_cell.length_b   106.145
_cell.length_c   171.067
_cell.angle_alpha   90.00
_cell.angle_beta   90.00
_cell.angle_gamma   90.00
#
_symmetry.space_group_name_H-M   'P 21 21 21'
#
loop_
_entity.id
_entity.type
_entity.pdbx_description
1 polymer 'D12 Fab Heavy chain'
2 polymer 'D12 Fab light chain'
3 polymer 'Spike glycoprotein'
4 non-polymer 2-acetamido-2-deoxy-beta-D-glucopyranose
#
loop_
_entity_poly.entity_id
_entity_poly.type
_entity_poly.pdbx_seq_one_letter_code
_entity_poly.pdbx_strand_id
1 'polypeptide(L)'
;EVKLVESGGGLVKPGGSLKLSCAASGFTFSSYAMSWVRQTPEKRLEWVATISSGGTYTYYPDSVKGRFTISRDNAENTLY
LQMSSLRSEDTAMYYCVRDGNSMDYWGQGTSVTVSSAKTTAPSVYPLAPVCGDTTGSSVTLGCLVKGYFPEPVTLTWNSG
SLSSGVHTFPAVLQSDLYTLSSSVTVTSSTWPSQSITCNVAHPASSTKVDKKIEPR
;
H,A
2 'polypeptide(L)'
;DIQMTQTTSSLSASLGDRVTIICRASQDINNYLNWYQQKPDGTVKLLIYYTSRLHSGVPSRFSGSGSGSDYSLTISNLEQ
EDIATYFCQQANTLPPTFGAGTKLELRRADAAPTVSIFPPSSEQLTSGGASVVCFLNNFYPKDINVKWKIDGSERQNGVL
NSWTDQDSKDSTYSMSSTLTLTKDEYERHNSYTCEATHKTSTSPIVKSFNRNEC
;
L,B
3 'polypeptide(L)'
;VECDFSPLLSGTPPQVYNFKRLVFTNCNYNLTKLLSLFSVNDFTCSQISPAAIASNCYSSLILDYFSYPLSMKSDLSVSS
AGPISQFNYKQSFSNPTCLILATVPHNLTTITKPLKYSYINKCSRFLSDDRTEVPQLVNANQYSPCVSIVPSTVWEDGDY
YRKQLSPLEGGGWLVASGSTVAMTEQLQMGFGITVQYGTDTNSVCPKL
;
S,R
#
# COMPACT_ATOMS: atom_id res chain seq x y z
CA GLU A 1 -5.74 40.26 19.35
C GLU A 1 -6.27 39.49 20.57
N VAL A 2 -7.41 38.84 20.40
CA VAL A 2 -7.94 37.91 21.38
C VAL A 2 -7.12 36.63 21.35
N LYS A 3 -7.04 35.93 22.46
CA LYS A 3 -6.26 34.70 22.47
C LYS A 3 -6.78 33.67 23.45
N LEU A 4 -6.66 32.42 23.04
CA LEU A 4 -7.05 31.27 23.86
C LEU A 4 -6.01 30.18 23.71
N VAL A 5 -5.38 29.81 24.82
CA VAL A 5 -4.30 28.83 24.77
C VAL A 5 -4.60 27.63 25.65
N GLU A 6 -4.88 26.49 25.02
CA GLU A 6 -5.15 25.27 25.77
C GLU A 6 -3.88 24.58 26.24
N SER A 7 -4.00 23.86 27.35
CA SER A 7 -2.91 23.05 27.87
C SER A 7 -3.45 21.93 28.74
N GLY A 8 -2.64 20.90 28.96
CA GLY A 8 -3.02 19.82 29.85
C GLY A 8 -3.27 18.52 29.11
N GLY A 9 -3.28 18.59 27.78
CA GLY A 9 -3.55 17.42 26.97
C GLY A 9 -2.42 16.41 27.07
N GLY A 10 -2.74 15.14 26.84
CA GLY A 10 -1.75 14.09 26.89
C GLY A 10 -2.33 12.70 26.78
N LEU A 11 -1.52 11.70 27.10
CA LEU A 11 -1.95 10.30 27.06
C LEU A 11 -2.45 9.88 28.43
N VAL A 12 -3.61 9.22 28.45
CA VAL A 12 -4.22 8.74 29.69
C VAL A 12 -4.88 7.40 29.44
N LYS A 13 -4.74 6.49 30.40
CA LYS A 13 -5.28 5.14 30.26
C LYS A 13 -6.80 5.17 30.42
N PRO A 14 -7.50 4.23 29.77
CA PRO A 14 -8.97 4.19 29.83
C PRO A 14 -9.50 4.07 31.26
N GLY A 15 -10.50 4.87 31.58
CA GLY A 15 -11.02 4.94 32.94
C GLY A 15 -10.27 5.97 33.77
N GLY A 16 -9.20 6.52 33.20
CA GLY A 16 -8.37 7.47 33.91
C GLY A 16 -8.96 8.86 33.90
N SER A 17 -8.22 9.83 34.46
CA SER A 17 -8.69 11.20 34.52
C SER A 17 -7.65 12.19 33.99
N LEU A 18 -8.10 13.40 33.67
CA LEU A 18 -7.21 14.42 33.13
C LEU A 18 -7.86 15.80 33.18
N LYS A 19 -7.07 16.84 33.37
CA LYS A 19 -7.65 18.18 33.41
C LYS A 19 -7.01 19.17 32.50
N LEU A 20 -7.81 19.71 31.60
CA LEU A 20 -7.32 20.64 30.59
C LEU A 20 -7.51 22.06 31.08
N SER A 21 -6.66 22.96 30.60
CA SER A 21 -6.74 24.36 30.98
C SER A 21 -6.74 25.23 29.72
N CYS A 22 -7.30 26.42 29.81
CA CYS A 22 -7.31 27.33 28.67
C CYS A 22 -7.09 28.76 29.14
N ALA A 23 -5.99 29.36 28.69
CA ALA A 23 -5.62 30.71 29.11
C ALA A 23 -6.20 31.78 28.18
N ALA A 24 -7.12 32.57 28.71
CA ALA A 24 -7.80 33.59 27.92
C ALA A 24 -7.18 34.98 28.10
N SER A 25 -7.18 35.75 27.03
CA SER A 25 -6.71 37.14 27.08
C SER A 25 -7.30 37.96 25.94
N GLY A 26 -7.24 39.28 26.08
CA GLY A 26 -7.62 40.19 25.02
C GLY A 26 -9.08 40.57 24.98
N PHE A 27 -9.82 40.06 25.95
CA PHE A 27 -11.24 40.36 26.07
C PHE A 27 -11.65 40.15 27.51
N THR A 28 -12.84 40.60 27.87
CA THR A 28 -13.28 40.45 29.24
C THR A 28 -13.82 39.07 29.44
N PHE A 29 -13.12 38.27 30.23
CA PHE A 29 -13.45 36.86 30.39
C PHE A 29 -14.81 36.63 31.02
N SER A 30 -15.15 37.44 32.01
CA SER A 30 -16.33 37.23 32.83
C SER A 30 -17.62 37.32 32.05
N SER A 31 -17.54 38.01 30.93
CA SER A 31 -18.69 38.54 30.23
C SER A 31 -19.19 37.66 29.12
N TYR A 32 -18.45 36.61 28.81
CA TYR A 32 -18.87 35.73 27.74
C TYR A 32 -18.97 34.30 28.26
N ALA A 33 -19.76 33.48 27.61
CA ALA A 33 -19.90 32.12 27.99
C ALA A 33 -18.70 31.46 27.46
N MET A 34 -18.44 30.24 27.87
CA MET A 34 -17.28 29.52 27.37
C MET A 34 -17.61 28.06 27.10
N SER A 35 -16.94 27.50 26.11
CA SER A 35 -17.26 26.13 25.69
C SER A 35 -16.01 25.32 25.35
N TRP A 36 -16.16 24.01 25.43
CA TRP A 36 -15.15 23.08 24.95
C TRP A 36 -15.71 22.31 23.76
N VAL A 37 -15.01 22.34 22.65
CA VAL A 37 -15.44 21.66 21.44
C VAL A 37 -14.29 20.79 21.02
N ARG A 38 -14.56 19.54 20.69
CA ARG A 38 -13.51 18.60 20.38
C ARG A 38 -13.68 17.99 19.02
N GLN A 39 -12.57 17.76 18.33
CA GLN A 39 -12.58 17.18 17.01
C GLN A 39 -11.91 15.83 17.02
N THR A 40 -12.61 14.83 16.53
CA THR A 40 -12.17 13.48 16.60
C THR A 40 -11.20 13.19 15.51
N PRO A 41 -10.69 11.97 15.54
CA PRO A 41 -9.71 11.50 14.58
C PRO A 41 -10.28 11.57 13.19
N GLU A 42 -11.58 11.35 13.07
CA GLU A 42 -12.26 11.45 11.80
C GLU A 42 -12.41 12.88 11.31
N LYS A 43 -12.14 13.85 12.16
CA LYS A 43 -12.34 15.22 11.75
C LYS A 43 -13.75 15.65 12.01
N ARG A 44 -14.47 14.82 12.75
CA ARG A 44 -15.78 15.16 13.25
C ARG A 44 -15.69 16.21 14.34
N LEU A 45 -16.69 17.06 14.43
CA LEU A 45 -16.70 18.10 15.40
C LEU A 45 -17.85 17.84 16.27
N GLU A 46 -17.59 17.77 17.55
CA GLU A 46 -18.66 17.55 18.51
C GLU A 46 -18.50 18.44 19.76
N TRP A 47 -19.56 19.12 20.15
CA TRP A 47 -19.56 19.99 21.27
C TRP A 47 -19.32 19.18 22.48
N VAL A 48 -18.63 19.72 23.47
CA VAL A 48 -18.44 18.97 24.71
C VAL A 48 -19.13 19.55 25.91
N ALA A 49 -18.85 20.80 26.23
CA ALA A 49 -19.53 21.44 27.32
C ALA A 49 -19.51 22.95 27.25
N THR A 50 -20.52 23.59 27.81
CA THR A 50 -20.59 25.05 27.82
C THR A 50 -20.89 25.59 29.19
N ILE A 51 -20.33 26.75 29.54
CA ILE A 51 -20.55 27.33 30.85
C ILE A 51 -20.80 28.83 30.82
N SER A 52 -21.70 29.29 31.66
CA SER A 52 -22.20 30.65 31.64
C SER A 52 -21.19 31.64 32.10
N SER A 53 -21.43 32.90 31.82
CA SER A 53 -20.47 33.93 32.11
C SER A 53 -20.21 33.95 33.60
N GLY A 54 -21.25 33.75 34.37
CA GLY A 54 -21.16 33.68 35.82
C GLY A 54 -20.36 32.52 36.33
N GLY A 55 -20.41 31.43 35.59
CA GLY A 55 -19.94 30.15 36.05
C GLY A 55 -21.09 29.42 36.69
N THR A 56 -22.22 30.09 36.71
CA THR A 56 -23.43 29.58 37.31
C THR A 56 -24.02 28.35 36.63
N TYR A 57 -24.00 28.29 35.33
CA TYR A 57 -24.69 27.23 34.65
C TYR A 57 -23.76 26.41 33.80
N THR A 58 -24.09 25.15 33.64
CA THR A 58 -23.27 24.25 32.89
C THR A 58 -24.18 23.39 32.03
N TYR A 59 -23.64 22.82 30.97
CA TYR A 59 -24.41 21.97 30.07
C TYR A 59 -23.51 20.96 29.38
N TYR A 60 -23.98 19.73 29.26
CA TYR A 60 -23.15 18.72 28.69
C TYR A 60 -23.98 17.84 27.81
N PRO A 61 -23.35 17.25 26.83
CA PRO A 61 -24.03 16.33 25.96
C PRO A 61 -24.29 15.12 26.80
N ASP A 62 -25.26 14.32 26.47
CA ASP A 62 -25.55 13.16 27.27
C ASP A 62 -24.34 12.26 27.28
N SER A 63 -23.69 12.16 26.15
CA SER A 63 -22.58 11.25 26.01
C SER A 63 -21.46 11.58 26.96
N VAL A 64 -21.20 12.85 27.14
CA VAL A 64 -20.15 13.27 28.04
C VAL A 64 -20.61 13.64 29.43
N LYS A 65 -21.90 13.62 29.68
CA LYS A 65 -22.39 14.11 30.96
C LYS A 65 -22.11 13.23 32.15
N GLY A 66 -21.67 13.87 33.22
CA GLY A 66 -21.45 13.21 34.49
C GLY A 66 -20.07 12.68 34.64
N ARG A 67 -19.34 12.65 33.53
CA ARG A 67 -17.95 12.28 33.58
C ARG A 67 -17.08 13.51 33.43
N PHE A 68 -17.56 14.52 32.73
CA PHE A 68 -16.78 15.71 32.50
C PHE A 68 -17.34 16.85 33.27
N THR A 69 -16.49 17.65 33.90
CA THR A 69 -16.93 18.84 34.60
C THR A 69 -16.24 20.09 34.10
N ILE A 70 -17.00 21.13 33.82
CA ILE A 70 -16.44 22.33 33.24
C ILE A 70 -16.52 23.45 34.24
N SER A 71 -15.41 24.11 34.48
CA SER A 71 -15.36 25.15 35.48
C SER A 71 -14.62 26.32 34.92
N ARG A 72 -14.85 27.49 35.46
CA ARG A 72 -14.09 28.66 35.07
C ARG A 72 -13.73 29.51 36.25
N ASP A 73 -12.63 30.21 36.13
CA ASP A 73 -12.26 31.18 37.12
C ASP A 73 -12.12 32.52 36.44
N ASN A 74 -12.99 33.45 36.79
CA ASN A 74 -12.97 34.76 36.18
C ASN A 74 -11.72 35.57 36.51
N ALA A 75 -11.29 35.53 37.76
CA ALA A 75 -10.12 36.28 38.19
C ALA A 75 -8.84 35.82 37.54
N GLU A 76 -8.74 34.50 37.46
CA GLU A 76 -7.65 33.78 36.82
C GLU A 76 -7.63 34.03 35.33
N ASN A 77 -8.81 34.21 34.75
CA ASN A 77 -8.95 34.27 33.31
C ASN A 77 -8.54 33.00 32.61
N THR A 78 -8.92 31.88 33.20
CA THR A 78 -8.71 30.60 32.56
C THR A 78 -9.92 29.69 32.67
N LEU A 79 -10.07 28.78 31.72
CA LEU A 79 -11.21 27.90 31.67
C LEU A 79 -10.66 26.50 31.77
N TYR A 80 -11.21 25.67 32.64
CA TYR A 80 -10.67 24.37 32.92
C TYR A 80 -11.65 23.32 32.51
N LEU A 81 -11.19 22.20 31.98
CA LEU A 81 -12.06 21.07 31.80
C LEU A 81 -11.51 19.87 32.54
N GLN A 82 -12.33 19.28 33.39
CA GLN A 82 -11.89 18.15 34.17
C GLN A 82 -12.65 16.94 33.72
N MET A 83 -11.91 15.89 33.38
CA MET A 83 -12.51 14.69 32.81
C MET A 83 -12.17 13.46 33.60
N SER A 84 -13.04 12.47 33.55
CA SER A 84 -12.87 11.23 34.28
C SER A 84 -13.58 10.10 33.55
N SER A 85 -13.24 8.86 33.93
CA SER A 85 -13.82 7.67 33.31
C SER A 85 -13.64 7.70 31.80
N LEU A 86 -12.45 8.13 31.36
CA LEU A 86 -12.17 8.33 29.94
C LEU A 86 -12.23 7.03 29.15
N ARG A 87 -12.75 7.12 27.94
CA ARG A 87 -12.86 5.98 27.05
C ARG A 87 -12.26 6.33 25.72
N SER A 88 -12.04 5.34 24.87
CA SER A 88 -11.35 5.58 23.65
C SER A 88 -12.09 6.55 22.77
N GLU A 89 -13.39 6.65 23.00
CA GLU A 89 -14.24 7.55 22.23
C GLU A 89 -13.82 9.00 22.43
N ASP A 90 -13.33 9.28 23.61
CA ASP A 90 -13.04 10.62 24.04
C ASP A 90 -11.82 11.19 23.38
N THR A 91 -11.13 10.42 22.57
CA THR A 91 -9.91 10.96 22.00
C THR A 91 -10.25 11.94 20.90
N ALA A 92 -9.78 13.17 21.06
CA ALA A 92 -10.06 14.22 20.11
C ALA A 92 -9.12 15.38 20.34
N MET A 93 -9.08 16.30 19.40
CA MET A 93 -8.50 17.60 19.64
C MET A 93 -9.44 18.39 20.53
N TYR A 94 -8.90 19.16 21.46
CA TYR A 94 -9.74 19.93 22.35
C TYR A 94 -9.50 21.42 22.23
N TYR A 95 -10.58 22.17 22.04
CA TYR A 95 -10.50 23.59 21.75
C TYR A 95 -11.16 24.42 22.82
N CYS A 96 -10.45 25.43 23.31
CA CYS A 96 -11.02 26.45 24.15
C CYS A 96 -11.85 27.22 23.18
N VAL A 97 -13.08 27.54 23.52
CA VAL A 97 -13.85 28.38 22.62
C VAL A 97 -14.68 29.38 23.37
N ARG A 98 -14.97 30.48 22.70
CA ARG A 98 -15.77 31.55 23.27
C ARG A 98 -17.13 31.57 22.63
N ASP A 99 -18.17 31.49 23.45
CA ASP A 99 -19.53 31.30 22.99
C ASP A 99 -20.45 32.50 22.99
N GLY A 100 -21.73 32.22 22.83
CA GLY A 100 -22.74 33.21 22.53
C GLY A 100 -23.70 32.51 21.59
N ASN A 101 -24.22 33.22 20.61
CA ASN A 101 -24.90 32.55 19.53
C ASN A 101 -23.94 31.70 18.72
N SER A 102 -22.69 32.11 18.63
CA SER A 102 -21.75 31.46 17.78
C SER A 102 -20.45 31.41 18.50
N MET A 103 -19.54 30.54 18.09
CA MET A 103 -18.24 30.51 18.75
C MET A 103 -17.37 31.60 18.16
N ASP A 104 -17.09 32.64 18.93
CA ASP A 104 -16.40 33.82 18.43
C ASP A 104 -14.99 33.51 18.00
N TYR A 105 -14.27 32.77 18.83
CA TYR A 105 -12.87 32.50 18.61
C TYR A 105 -12.53 31.14 19.15
N TRP A 106 -11.52 30.50 18.59
CA TRP A 106 -11.15 29.16 18.99
C TRP A 106 -9.72 29.13 19.36
N GLY A 107 -9.39 28.28 20.32
CA GLY A 107 -8.04 27.94 20.67
C GLY A 107 -7.40 27.02 19.66
N GLN A 108 -6.08 26.93 19.65
CA GLN A 108 -5.39 26.09 18.69
C GLN A 108 -5.55 24.61 18.99
N GLY A 109 -6.02 24.32 20.19
CA GLY A 109 -6.35 22.96 20.55
C GLY A 109 -5.28 22.25 21.34
N THR A 110 -5.68 21.22 22.06
CA THR A 110 -4.74 20.33 22.71
C THR A 110 -5.15 18.91 22.39
N SER A 111 -4.21 18.01 22.16
CA SER A 111 -4.56 16.67 21.72
C SER A 111 -4.56 15.71 22.88
N VAL A 112 -5.71 15.07 23.08
CA VAL A 112 -5.89 14.12 24.15
C VAL A 112 -6.13 12.74 23.59
N THR A 113 -5.36 11.77 24.06
CA THR A 113 -5.48 10.40 23.59
C THR A 113 -5.78 9.46 24.74
N VAL A 114 -6.75 8.58 24.58
CA VAL A 114 -7.01 7.57 25.61
C VAL A 114 -6.73 6.18 25.09
N SER A 115 -5.64 5.57 25.55
CA SER A 115 -5.29 4.24 25.11
C SER A 115 -4.40 3.51 26.09
N SER A 116 -4.46 2.19 26.03
CA SER A 116 -3.76 1.34 26.92
C SER A 116 -2.40 1.14 26.36
N ALA A 117 -2.15 1.73 25.22
CA ALA A 117 -0.88 1.61 24.53
C ALA A 117 0.15 2.36 25.32
N LYS A 118 1.40 2.08 25.07
CA LYS A 118 2.47 2.64 25.85
C LYS A 118 3.18 3.76 25.12
N THR A 119 3.50 4.80 25.87
CA THR A 119 4.15 5.95 25.31
C THR A 119 5.43 5.48 24.72
N THR A 120 5.82 6.03 23.59
CA THR A 120 7.03 5.61 22.90
C THR A 120 7.72 6.80 22.26
N ALA A 121 9.00 6.93 22.53
CA ALA A 121 9.78 7.98 21.93
C ALA A 121 9.99 7.64 20.49
N PRO A 122 9.91 8.64 19.64
CA PRO A 122 10.14 8.45 18.21
C PRO A 122 11.61 8.28 17.94
N SER A 123 11.95 7.59 16.86
CA SER A 123 13.32 7.47 16.44
C SER A 123 13.45 8.32 15.20
N VAL A 124 14.45 9.18 15.18
CA VAL A 124 14.55 10.22 14.17
C VAL A 124 15.74 10.00 13.26
N TYR A 125 15.51 9.91 11.96
CA TYR A 125 16.57 9.58 11.01
C TYR A 125 16.73 10.60 9.91
N PRO A 126 17.94 11.04 9.69
CA PRO A 126 18.21 12.02 8.66
C PRO A 126 18.07 11.40 7.30
N LEU A 127 17.52 12.13 6.34
CA LEU A 127 17.42 11.61 5.01
C LEU A 127 18.30 12.41 4.08
N ALA A 128 19.21 11.72 3.42
CA ALA A 128 20.21 12.35 2.59
C ALA A 128 20.22 11.70 1.25
N PRO A 129 20.36 12.52 0.22
CA PRO A 129 20.30 12.08 -1.16
C PRO A 129 21.41 11.11 -1.51
N VAL A 130 21.13 10.25 -2.49
CA VAL A 130 22.09 9.28 -2.95
C VAL A 130 23.26 9.98 -3.63
N CYS A 131 24.44 9.41 -3.50
CA CYS A 131 25.63 9.98 -4.11
C CYS A 131 25.52 10.06 -5.63
N THR A 135 24.09 15.45 -10.34
CA THR A 135 23.12 15.87 -9.34
C THR A 135 22.14 16.89 -9.89
N GLY A 136 21.87 17.93 -9.10
CA GLY A 136 20.91 18.95 -9.48
C GLY A 136 21.30 20.33 -9.01
N SER A 137 20.70 21.36 -9.61
CA SER A 137 20.92 22.72 -9.15
C SER A 137 20.41 22.84 -7.73
N SER A 138 19.25 22.23 -7.48
CA SER A 138 18.66 22.18 -6.16
C SER A 138 18.70 20.75 -5.64
N VAL A 139 18.25 20.56 -4.40
CA VAL A 139 18.38 19.26 -3.75
C VAL A 139 17.36 19.14 -2.66
N THR A 140 16.82 17.95 -2.48
CA THR A 140 15.77 17.71 -1.50
C THR A 140 16.26 16.81 -0.37
N LEU A 141 15.94 17.18 0.87
CA LEU A 141 16.42 16.47 2.06
C LEU A 141 15.25 16.13 2.95
N GLY A 142 15.41 15.14 3.81
CA GLY A 142 14.33 14.73 4.71
C GLY A 142 14.67 14.38 6.14
N CYS A 143 13.68 14.48 7.01
CA CYS A 143 13.73 14.01 8.38
C CYS A 143 12.70 12.92 8.47
N LEU A 144 13.02 11.81 9.08
CA LEU A 144 12.02 10.77 9.28
C LEU A 144 11.87 10.50 10.76
N VAL A 145 10.64 10.57 11.24
CA VAL A 145 10.36 10.35 12.63
C VAL A 145 9.56 9.08 12.72
N LYS A 146 10.08 8.08 13.42
CA LYS A 146 9.43 6.80 13.41
C LYS A 146 9.12 6.24 14.78
N GLY A 147 8.07 5.44 14.83
CA GLY A 147 7.70 4.73 16.03
C GLY A 147 7.45 5.51 17.29
N TYR A 148 6.57 6.50 17.20
CA TYR A 148 6.27 7.36 18.33
C TYR A 148 4.79 7.32 18.65
N PHE A 149 4.47 7.14 19.92
CA PHE A 149 3.10 7.21 20.37
C PHE A 149 3.11 7.98 21.68
N PRO A 150 2.07 8.74 21.98
CA PRO A 150 0.99 9.09 21.07
C PRO A 150 1.31 10.37 20.32
N GLU A 151 0.34 10.90 19.58
CA GLU A 151 0.49 12.21 19.00
C GLU A 151 0.60 13.20 20.14
N PRO A 152 1.40 14.24 19.97
CA PRO A 152 1.89 14.68 18.68
C PRO A 152 3.34 15.04 18.79
N VAL A 153 3.95 15.29 17.64
CA VAL A 153 5.30 15.79 17.56
C VAL A 153 5.30 17.05 16.72
N THR A 154 6.17 17.99 17.06
CA THR A 154 6.34 19.18 16.26
C THR A 154 7.72 19.15 15.64
N LEU A 155 7.78 19.26 14.32
CA LEU A 155 9.05 19.20 13.62
C LEU A 155 9.31 20.48 12.85
N THR A 156 10.52 21.01 12.98
CA THR A 156 10.92 22.24 12.31
C THR A 156 12.34 22.14 11.79
N TRP A 157 12.69 22.98 10.83
CA TRP A 157 14.00 22.94 10.21
C TRP A 157 14.85 24.12 10.56
N ASN A 158 16.10 23.88 10.95
CA ASN A 158 16.94 24.94 11.41
C ASN A 158 16.21 25.81 12.42
N SER A 159 15.61 25.16 13.40
CA SER A 159 15.01 25.88 14.49
C SER A 159 13.87 26.73 13.98
N GLY A 160 13.29 26.30 12.87
CA GLY A 160 12.12 26.95 12.34
C GLY A 160 12.57 28.12 11.53
N SER A 161 13.87 28.28 11.42
CA SER A 161 14.43 29.34 10.61
C SER A 161 14.08 29.18 9.16
N LEU A 162 14.17 27.96 8.64
CA LEU A 162 13.87 27.77 7.24
C LEU A 162 12.57 27.02 7.03
N SER A 163 11.59 27.72 6.45
CA SER A 163 10.24 27.22 6.34
C SER A 163 9.70 26.98 4.93
N SER A 164 10.51 27.20 3.91
CA SER A 164 9.99 27.05 2.56
C SER A 164 10.72 25.99 1.76
N GLY A 165 9.96 25.27 0.95
CA GLY A 165 10.43 24.07 0.29
C GLY A 165 10.22 22.93 1.24
N VAL A 166 9.49 23.24 2.29
CA VAL A 166 9.30 22.37 3.41
C VAL A 166 7.94 21.75 3.32
N HIS A 167 7.89 20.43 3.29
CA HIS A 167 6.63 19.76 3.39
C HIS A 167 6.74 18.77 4.49
N THR A 168 5.83 18.86 5.44
CA THR A 168 5.75 17.95 6.57
C THR A 168 4.45 17.15 6.45
N PHE A 169 4.59 15.85 6.29
CA PHE A 169 3.45 15.02 5.95
C PHE A 169 2.72 14.52 7.19
N PRO A 170 1.39 14.39 7.09
CA PRO A 170 0.54 13.88 8.16
C PRO A 170 1.04 12.56 8.71
N ALA A 171 1.01 12.42 10.03
CA ALA A 171 1.49 11.21 10.67
C ALA A 171 0.61 10.03 10.29
N VAL A 172 1.19 8.86 10.14
CA VAL A 172 0.43 7.69 9.74
C VAL A 172 0.46 6.67 10.85
N LEU A 173 -0.68 6.16 11.28
CA LEU A 173 -0.70 5.26 12.41
C LEU A 173 -0.83 3.81 12.01
N GLN A 174 0.21 3.04 12.27
CA GLN A 174 0.19 1.64 11.94
C GLN A 174 0.65 0.82 13.12
N SER A 175 -0.16 -0.12 13.56
CA SER A 175 0.26 -0.98 14.65
C SER A 175 0.46 -0.23 15.95
N ASP A 176 -0.28 0.83 16.14
CA ASP A 176 -0.25 1.52 17.41
C ASP A 176 0.92 2.47 17.57
N LEU A 177 1.66 2.70 16.51
CA LEU A 177 2.80 3.57 16.56
C LEU A 177 2.72 4.53 15.40
N TYR A 178 3.18 5.76 15.55
CA TYR A 178 3.02 6.72 14.47
C TYR A 178 4.30 6.91 13.71
N THR A 179 4.18 7.18 12.42
CA THR A 179 5.33 7.46 11.59
C THR A 179 5.15 8.74 10.78
N LEU A 180 6.12 9.64 10.85
CA LEU A 180 6.00 10.93 10.21
C LEU A 180 7.27 11.30 9.51
N SER A 181 7.15 12.08 8.44
CA SER A 181 8.29 12.47 7.66
C SER A 181 8.10 13.85 7.14
N SER A 182 9.19 14.55 6.89
CA SER A 182 9.18 15.91 6.36
C SER A 182 10.27 16.06 5.33
N SER A 183 9.97 16.80 4.26
CA SER A 183 10.96 17.07 3.24
C SER A 183 11.24 18.56 3.13
N VAL A 184 12.49 18.90 2.84
CA VAL A 184 12.88 20.28 2.62
C VAL A 184 13.71 20.37 1.35
N THR A 185 13.32 21.28 0.46
CA THR A 185 14.04 21.44 -0.79
C THR A 185 14.75 22.78 -0.81
N VAL A 186 16.06 22.76 -0.99
CA VAL A 186 16.86 23.98 -0.89
C VAL A 186 17.89 24.06 -2.00
N THR A 187 18.46 25.23 -2.19
CA THR A 187 19.35 25.48 -3.32
C THR A 187 20.59 24.67 -3.23
N SER A 188 21.24 24.27 -4.30
CA SER A 188 22.31 23.31 -4.08
C SER A 188 23.43 23.80 -3.12
N SER A 189 23.78 25.06 -3.27
CA SER A 189 24.92 25.62 -2.57
C SER A 189 24.80 25.59 -1.05
N THR A 190 23.57 25.91 -0.58
CA THR A 190 23.06 26.12 0.81
C THR A 190 23.08 24.94 1.70
N TRP A 191 22.54 23.83 1.25
CA TRP A 191 23.21 22.59 1.61
C TRP A 191 24.33 22.55 0.63
N PRO A 192 25.38 21.74 0.81
CA PRO A 192 25.75 21.04 2.04
C PRO A 192 26.77 21.88 2.76
N SER A 193 27.10 22.99 2.14
CA SER A 193 28.11 23.88 2.64
C SER A 193 27.71 24.44 3.99
N GLN A 194 26.44 24.77 4.13
CA GLN A 194 25.96 25.35 5.35
C GLN A 194 24.96 24.40 5.95
N SER A 195 25.07 24.18 7.24
CA SER A 195 24.30 23.16 7.91
C SER A 195 22.80 23.35 7.80
N ILE A 196 22.13 22.25 7.50
CA ILE A 196 20.68 22.06 7.63
C ILE A 196 20.41 21.01 8.70
N THR A 197 19.61 21.38 9.69
CA THR A 197 19.33 20.49 10.82
C THR A 197 17.84 20.27 11.01
N CYS A 198 17.45 19.03 11.23
CA CYS A 198 16.06 18.69 11.51
C CYS A 198 15.80 18.72 13.01
N ASN A 199 14.75 19.43 13.41
CA ASN A 199 14.42 19.55 14.83
C ASN A 199 13.10 18.86 15.16
N VAL A 200 13.14 17.88 16.03
CA VAL A 200 11.94 17.14 16.39
C VAL A 200 11.68 17.09 17.88
N ALA A 201 10.47 17.39 18.31
CA ALA A 201 10.15 17.29 19.72
C ALA A 201 8.95 16.40 19.98
N HIS A 202 9.11 15.41 20.85
CA HIS A 202 8.00 14.63 21.31
C HIS A 202 7.83 14.97 22.75
N PRO A 203 6.78 15.71 23.07
CA PRO A 203 6.53 16.13 24.45
C PRO A 203 6.21 14.98 25.39
N ALA A 204 5.45 14.02 24.91
CA ALA A 204 5.00 12.91 25.74
C ALA A 204 6.17 12.08 26.21
N SER A 205 7.13 11.87 25.34
CA SER A 205 8.31 11.10 25.68
C SER A 205 9.41 11.99 26.22
N SER A 206 9.17 13.29 26.25
CA SER A 206 10.18 14.22 26.67
C SER A 206 11.41 14.05 25.81
N THR A 207 11.18 13.88 24.51
CA THR A 207 12.25 13.66 23.57
C THR A 207 12.57 14.91 22.79
N LYS A 208 13.85 15.29 22.74
CA LYS A 208 14.31 16.34 21.85
C LYS A 208 15.51 15.87 21.06
N VAL A 209 15.48 16.11 19.77
CA VAL A 209 16.52 15.61 18.92
C VAL A 209 16.73 16.57 17.79
N ASP A 210 17.97 16.85 17.47
CA ASP A 210 18.27 17.61 16.29
C ASP A 210 19.26 16.81 15.52
N LYS A 211 19.01 16.61 14.25
CA LYS A 211 19.89 15.79 13.47
C LYS A 211 20.40 16.57 12.30
N LYS A 212 21.70 16.77 12.23
CA LYS A 212 22.26 17.45 11.08
C LYS A 212 22.21 16.51 9.92
N ILE A 213 21.93 17.03 8.74
CA ILE A 213 21.85 16.19 7.57
C ILE A 213 23.19 16.23 6.86
N GLU A 214 23.94 15.15 6.99
CA GLU A 214 25.28 15.06 6.46
C GLU A 214 25.23 14.23 5.21
N PRO A 215 26.08 14.55 4.26
CA PRO A 215 26.09 13.89 2.97
C PRO A 215 26.43 12.42 3.08
N ARG A 216 25.71 11.58 2.37
CA ARG A 216 25.86 10.15 2.49
C ARG A 216 27.04 9.66 1.68
N ASP B 1 -31.00 15.77 19.55
CA ASP B 1 -29.94 15.99 18.61
C ASP B 1 -30.50 16.25 17.25
N ILE B 2 -29.96 17.27 16.62
CA ILE B 2 -30.42 17.71 15.33
C ILE B 2 -29.28 17.38 14.40
N GLN B 3 -29.62 16.74 13.29
CA GLN B 3 -28.62 16.26 12.38
C GLN B 3 -28.41 17.25 11.26
N MET B 4 -27.16 17.61 11.03
CA MET B 4 -26.80 18.55 9.99
C MET B 4 -26.15 17.81 8.85
N THR B 5 -26.67 17.98 7.65
CA THR B 5 -26.11 17.29 6.52
C THR B 5 -25.54 18.28 5.55
N GLN B 6 -24.26 18.15 5.25
CA GLN B 6 -23.67 18.97 4.24
C GLN B 6 -23.74 18.10 3.01
N THR B 7 -24.44 18.57 2.00
CA THR B 7 -24.80 17.73 0.89
C THR B 7 -23.57 17.25 0.19
N THR B 8 -22.59 18.13 0.07
CA THR B 8 -21.37 17.78 -0.64
C THR B 8 -20.15 17.76 0.26
N SER B 9 -19.43 16.65 0.23
CA SER B 9 -18.14 16.51 0.86
C SER B 9 -16.96 17.28 0.30
N SER B 10 -16.80 17.37 -1.02
CA SER B 10 -15.70 18.12 -1.59
C SER B 10 -15.99 18.85 -2.90
N LEU B 11 -15.31 19.98 -3.14
CA LEU B 11 -15.51 20.82 -4.34
C LEU B 11 -14.26 21.23 -5.07
N SER B 12 -14.40 21.56 -6.33
CA SER B 12 -13.32 22.10 -7.09
C SER B 12 -13.81 23.38 -7.69
N ALA B 13 -12.98 24.39 -7.67
CA ALA B 13 -13.37 25.61 -8.30
C ALA B 13 -12.12 26.30 -8.63
N SER B 14 -12.20 27.37 -9.39
CA SER B 14 -11.01 28.05 -9.85
C SER B 14 -11.07 29.48 -9.40
N LEU B 15 -9.91 30.11 -9.32
CA LEU B 15 -9.85 31.41 -8.70
C LEU B 15 -10.79 32.33 -9.44
N GLY B 16 -11.49 33.14 -8.65
CA GLY B 16 -12.46 34.09 -9.17
C GLY B 16 -13.83 33.48 -9.32
N ASP B 17 -13.91 32.19 -9.05
CA ASP B 17 -15.18 31.48 -9.11
C ASP B 17 -16.05 31.83 -7.92
N ARG B 18 -17.35 31.61 -8.06
CA ARG B 18 -18.25 31.69 -6.95
C ARG B 18 -18.77 30.30 -6.72
N VAL B 19 -18.62 29.79 -5.50
CA VAL B 19 -19.09 28.47 -5.21
C VAL B 19 -20.01 28.61 -4.08
N THR B 20 -20.97 27.72 -3.97
CA THR B 20 -21.90 27.77 -2.88
C THR B 20 -21.98 26.44 -2.20
N ILE B 21 -21.94 26.44 -0.87
CA ILE B 21 -22.05 25.27 -0.01
C ILE B 21 -23.28 25.33 0.85
N ILE B 22 -24.01 24.23 1.02
CA ILE B 22 -25.22 24.23 1.81
C ILE B 22 -25.36 23.19 2.93
N CYS B 23 -25.57 23.62 4.17
CA CYS B 23 -25.92 22.78 5.30
C CYS B 23 -27.39 22.59 5.20
N ARG B 24 -27.89 21.46 5.65
CA ARG B 24 -29.32 21.24 5.79
C ARG B 24 -29.56 20.56 7.10
N ALA B 25 -30.63 20.87 7.81
CA ALA B 25 -30.81 20.36 9.15
C ALA B 25 -31.93 19.40 9.34
N SER B 26 -31.85 18.63 10.41
CA SER B 26 -32.86 17.66 10.75
C SER B 26 -34.23 18.25 11.03
N GLN B 27 -34.23 19.41 11.66
CA GLN B 27 -35.40 20.01 12.24
C GLN B 27 -35.31 21.43 11.83
N ASP B 28 -36.37 22.20 11.93
CA ASP B 28 -36.24 23.61 11.63
C ASP B 28 -35.45 24.20 12.76
N ILE B 29 -34.53 25.09 12.45
CA ILE B 29 -33.72 25.74 13.45
C ILE B 29 -33.84 27.25 13.59
N ASN B 30 -34.88 27.87 13.08
CA ASN B 30 -35.16 29.21 13.52
C ASN B 30 -33.97 30.08 13.34
N ASN B 31 -33.24 29.84 12.29
CA ASN B 31 -32.30 30.80 11.77
C ASN B 31 -30.98 30.81 12.43
N TYR B 32 -30.81 30.01 13.47
CA TYR B 32 -29.57 30.02 14.22
C TYR B 32 -28.56 29.09 13.63
N LEU B 33 -27.88 29.51 12.58
CA LEU B 33 -26.87 28.71 11.91
C LEU B 33 -25.55 29.43 11.72
N ASN B 34 -24.45 28.76 12.05
CA ASN B 34 -23.13 29.38 11.94
C ASN B 34 -22.20 28.64 10.98
N TRP B 35 -21.25 29.34 10.40
CA TRP B 35 -20.27 28.72 9.53
C TRP B 35 -18.89 28.93 10.06
N TYR B 36 -18.09 27.88 10.06
CA TYR B 36 -16.72 27.93 10.54
C TYR B 36 -15.81 27.41 9.46
N GLN B 37 -14.61 27.95 9.36
CA GLN B 37 -13.65 27.48 8.38
C GLN B 37 -12.40 26.95 9.02
N GLN B 38 -12.00 25.74 8.65
CA GLN B 38 -10.79 25.18 9.22
C GLN B 38 -9.69 25.15 8.18
N LYS B 39 -8.60 25.84 8.46
CA LYS B 39 -7.51 25.89 7.53
C LYS B 39 -6.79 24.61 7.67
N PRO B 40 -5.90 24.27 6.78
CA PRO B 40 -5.26 22.98 6.85
C PRO B 40 -4.41 22.75 8.07
N ASP B 41 -3.97 23.82 8.70
CA ASP B 41 -3.04 23.77 9.78
C ASP B 41 -3.84 23.56 11.01
N GLY B 42 -5.15 23.42 10.84
CA GLY B 42 -6.03 23.23 11.94
C GLY B 42 -6.54 24.43 12.68
N THR B 43 -6.55 25.59 12.03
CA THR B 43 -7.03 26.77 12.70
C THR B 43 -8.45 27.04 12.26
N VAL B 44 -9.34 27.17 13.23
CA VAL B 44 -10.75 27.38 12.94
C VAL B 44 -11.16 28.81 13.25
N LYS B 45 -11.90 29.40 12.35
CA LYS B 45 -12.36 30.77 12.50
C LYS B 45 -13.84 30.76 12.22
N LEU B 46 -14.58 31.70 12.79
CA LEU B 46 -16.01 31.74 12.56
C LEU B 46 -16.30 32.71 11.44
N LEU B 47 -16.65 32.19 10.27
CA LEU B 47 -17.03 33.02 9.16
C LEU B 47 -18.33 33.78 9.31
N ILE B 48 -19.37 33.12 9.81
CA ILE B 48 -20.70 33.67 9.74
C ILE B 48 -21.60 33.24 10.85
N TYR B 49 -22.43 34.14 11.35
CA TYR B 49 -23.31 33.79 12.44
C TYR B 49 -24.73 34.23 12.17
N TYR B 50 -25.68 33.48 12.69
CA TYR B 50 -27.08 33.77 12.44
C TYR B 50 -27.39 33.82 10.97
N THR B 51 -26.86 32.86 10.23
CA THR B 51 -27.22 32.68 8.84
C THR B 51 -26.62 33.71 7.89
N SER B 52 -26.96 34.97 8.08
CA SER B 52 -26.49 36.00 7.16
C SER B 52 -25.47 36.94 7.74
N ARG B 53 -25.37 36.98 9.06
CA ARG B 53 -24.47 37.91 9.70
C ARG B 53 -23.04 37.50 9.45
N LEU B 54 -22.17 38.48 9.34
CA LEU B 54 -20.80 38.25 8.98
C LEU B 54 -19.80 38.67 10.04
N HIS B 55 -18.93 37.77 10.41
CA HIS B 55 -18.06 37.98 11.52
C HIS B 55 -17.05 39.00 11.26
N SER B 56 -16.70 39.77 12.26
CA SER B 56 -15.73 40.80 12.06
C SER B 56 -14.38 40.29 11.69
N GLY B 57 -13.74 40.95 10.75
CA GLY B 57 -12.42 40.58 10.32
C GLY B 57 -12.57 39.59 9.23
N VAL B 58 -13.79 39.28 8.90
CA VAL B 58 -14.01 38.36 7.83
C VAL B 58 -14.54 39.14 6.68
N PRO B 59 -13.97 38.89 5.52
CA PRO B 59 -14.19 39.68 4.32
C PRO B 59 -15.54 39.37 3.79
N SER B 60 -16.02 40.15 2.86
CA SER B 60 -17.39 40.03 2.42
C SER B 60 -17.60 39.19 1.19
N ARG B 61 -16.59 38.45 0.76
CA ARG B 61 -16.79 37.40 -0.22
C ARG B 61 -17.71 36.36 0.34
N PHE B 62 -17.60 36.10 1.62
CA PHE B 62 -18.43 35.10 2.26
C PHE B 62 -19.76 35.65 2.63
N SER B 63 -20.80 35.07 2.10
CA SER B 63 -22.12 35.55 2.41
C SER B 63 -22.95 34.36 2.69
N GLY B 64 -23.97 34.52 3.51
CA GLY B 64 -24.79 33.39 3.88
C GLY B 64 -26.25 33.73 3.71
N SER B 65 -27.08 32.73 3.49
CA SER B 65 -28.50 32.96 3.49
C SER B 65 -29.27 31.70 3.65
N GLY B 66 -30.49 31.78 4.14
CA GLY B 66 -31.37 30.64 4.12
C GLY B 66 -32.30 30.74 5.27
N SER B 67 -33.25 29.83 5.36
CA SER B 67 -34.19 29.86 6.44
C SER B 67 -34.82 28.53 6.58
N GLY B 68 -35.53 28.34 7.67
CA GLY B 68 -36.10 27.05 7.95
C GLY B 68 -34.91 26.17 8.05
N SER B 69 -34.91 25.04 7.38
CA SER B 69 -33.82 24.12 7.53
C SER B 69 -32.82 24.04 6.42
N ASP B 70 -32.83 24.97 5.48
CA ASP B 70 -31.81 24.97 4.44
C ASP B 70 -31.08 26.26 4.34
N TYR B 71 -29.77 26.20 4.49
CA TYR B 71 -28.99 27.39 4.51
C TYR B 71 -27.79 27.13 3.69
N SER B 72 -27.16 28.17 3.18
CA SER B 72 -26.11 28.01 2.22
C SER B 72 -25.04 29.01 2.48
N LEU B 73 -23.82 28.70 2.10
CA LEU B 73 -22.70 29.60 2.28
C LEU B 73 -22.11 29.92 0.95
N THR B 74 -21.84 31.18 0.70
CA THR B 74 -21.30 31.53 -0.57
C THR B 74 -19.99 32.24 -0.44
N ILE B 75 -19.00 31.76 -1.16
CA ILE B 75 -17.70 32.41 -1.28
C ILE B 75 -17.48 32.86 -2.70
N SER B 76 -16.94 34.03 -2.91
CA SER B 76 -16.90 34.51 -4.27
C SER B 76 -15.54 34.99 -4.66
N ASN B 77 -15.23 35.00 -5.92
CA ASN B 77 -13.92 35.48 -6.18
C ASN B 77 -13.05 34.69 -5.26
N LEU B 78 -12.97 33.39 -5.44
CA LEU B 78 -12.15 32.58 -4.58
C LEU B 78 -10.70 32.92 -4.74
N GLU B 79 -9.91 32.59 -3.74
CA GLU B 79 -8.53 32.96 -3.62
C GLU B 79 -7.79 31.74 -3.23
N GLN B 80 -6.49 31.71 -3.37
CA GLN B 80 -5.82 30.51 -2.98
C GLN B 80 -6.14 30.22 -1.56
N GLU B 81 -6.09 31.25 -0.75
CA GLU B 81 -5.96 31.09 0.69
C GLU B 81 -7.26 30.80 1.34
N ASP B 82 -8.18 30.41 0.48
CA ASP B 82 -9.53 30.08 0.82
C ASP B 82 -9.65 28.58 0.89
N ILE B 83 -8.57 27.90 0.60
CA ILE B 83 -8.61 26.47 0.60
C ILE B 83 -8.79 26.02 2.00
N ALA B 84 -9.84 25.27 2.28
CA ALA B 84 -10.08 24.80 3.62
C ALA B 84 -11.29 23.93 3.69
N THR B 85 -11.65 23.47 4.87
CA THR B 85 -12.84 22.65 5.08
C THR B 85 -13.82 23.45 5.86
N TYR B 86 -15.01 23.64 5.33
CA TYR B 86 -15.99 24.55 5.94
C TYR B 86 -17.14 23.82 6.64
N PHE B 87 -17.37 24.16 7.90
CA PHE B 87 -18.38 23.49 8.72
C PHE B 87 -19.59 24.39 8.99
N CYS B 88 -20.76 23.77 9.10
CA CYS B 88 -21.97 24.46 9.51
C CYS B 88 -22.44 23.94 10.86
N GLN B 89 -22.82 24.84 11.76
CA GLN B 89 -23.25 24.49 13.11
C GLN B 89 -24.64 25.04 13.40
N GLN B 90 -25.37 24.42 14.30
CA GLN B 90 -26.71 24.91 14.59
C GLN B 90 -26.88 25.16 16.04
N ALA B 91 -27.42 26.31 16.39
CA ALA B 91 -27.61 26.69 17.76
C ALA B 91 -29.01 27.00 18.19
N ASN B 92 -29.98 26.17 17.86
CA ASN B 92 -31.30 26.43 18.32
C ASN B 92 -31.52 25.84 19.65
N THR B 93 -31.13 24.57 19.78
CA THR B 93 -31.31 23.85 21.00
C THR B 93 -30.00 23.30 21.31
N LEU B 94 -29.98 22.36 22.24
CA LEU B 94 -28.76 21.72 22.66
C LEU B 94 -28.90 20.26 22.43
N PRO B 95 -27.81 19.62 22.08
CA PRO B 95 -26.52 20.29 22.01
C PRO B 95 -26.25 20.84 20.64
N PRO B 96 -25.45 21.87 20.52
CA PRO B 96 -25.11 22.30 19.20
C PRO B 96 -24.88 21.06 18.40
N THR B 97 -25.00 21.09 17.09
CA THR B 97 -24.66 19.97 16.26
C THR B 97 -23.92 20.59 15.13
N PHE B 98 -23.15 19.79 14.41
CA PHE B 98 -22.17 20.26 13.49
C PHE B 98 -22.33 19.45 12.25
N GLY B 99 -21.65 19.84 11.19
CA GLY B 99 -21.76 19.18 9.91
C GLY B 99 -20.49 18.40 9.75
N ALA B 100 -20.34 17.67 8.66
CA ALA B 100 -19.19 16.84 8.56
C ALA B 100 -18.12 17.55 7.84
N GLY B 101 -18.51 18.57 7.11
CA GLY B 101 -17.57 19.47 6.49
C GLY B 101 -17.67 19.47 5.01
N THR B 102 -17.15 20.49 4.37
CA THR B 102 -17.10 20.49 2.95
C THR B 102 -15.74 20.95 2.50
N LYS B 103 -15.04 20.11 1.78
CA LYS B 103 -13.63 20.34 1.50
C LYS B 103 -13.48 21.06 0.18
N LEU B 104 -12.76 22.17 0.19
CA LEU B 104 -12.62 22.95 -1.00
C LEU B 104 -11.22 22.84 -1.52
N GLU B 105 -11.07 22.46 -2.76
CA GLU B 105 -9.78 22.43 -3.37
C GLU B 105 -9.97 23.38 -4.50
N LEU B 106 -8.91 24.00 -5.00
CA LEU B 106 -9.03 24.89 -6.15
C LEU B 106 -8.26 24.36 -7.30
N ARG B 107 -8.61 24.77 -8.51
CA ARG B 107 -8.06 24.16 -9.69
C ARG B 107 -6.91 24.97 -10.23
N ARG B 108 -5.83 24.26 -10.53
CA ARG B 108 -4.63 24.89 -11.04
C ARG B 108 -4.12 24.06 -12.20
N ALA B 109 -3.29 24.65 -13.04
CA ALA B 109 -2.76 23.95 -14.19
C ALA B 109 -1.93 22.78 -13.71
N ASP B 110 -2.00 21.66 -14.40
CA ASP B 110 -1.37 20.44 -13.93
C ASP B 110 0.13 20.63 -13.81
N ALA B 111 0.69 20.10 -12.74
CA ALA B 111 2.12 20.20 -12.50
C ALA B 111 2.69 18.83 -12.22
N ALA B 112 3.82 18.52 -12.85
CA ALA B 112 4.50 17.27 -12.61
C ALA B 112 5.15 17.27 -11.23
N PRO B 113 5.07 16.14 -10.56
CA PRO B 113 5.65 15.98 -9.23
C PRO B 113 7.16 15.94 -9.28
N THR B 114 7.80 16.39 -8.21
CA THR B 114 9.23 16.32 -8.09
C THR B 114 9.52 15.13 -7.21
N VAL B 115 10.23 14.15 -7.74
CA VAL B 115 10.42 12.89 -7.03
C VAL B 115 11.84 12.74 -6.49
N SER B 116 11.93 12.49 -5.19
CA SER B 116 13.20 12.27 -4.54
C SER B 116 13.12 10.96 -3.79
N ILE B 117 14.17 10.15 -3.89
CA ILE B 117 14.22 8.85 -3.23
C ILE B 117 15.35 8.80 -2.24
N PHE B 118 15.06 8.36 -1.02
CA PHE B 118 16.06 8.30 0.02
C PHE B 118 16.27 6.90 0.57
N PRO B 119 17.52 6.48 0.63
CA PRO B 119 17.92 5.19 1.18
C PRO B 119 17.92 5.23 2.69
N PRO B 120 17.93 4.06 3.32
CA PRO B 120 17.89 4.01 4.78
C PRO B 120 19.12 4.66 5.37
N SER B 121 18.96 5.29 6.52
CA SER B 121 20.07 5.87 7.22
C SER B 121 20.93 4.77 7.80
N SER B 122 22.22 5.01 7.94
CA SER B 122 23.10 4.03 8.55
C SER B 122 22.57 3.85 9.94
N GLU B 123 22.08 4.93 10.52
CA GLU B 123 21.59 4.91 11.88
C GLU B 123 20.43 3.94 11.99
N GLN B 124 19.52 3.97 11.04
CA GLN B 124 18.41 3.05 11.03
C GLN B 124 18.83 1.61 10.83
N LEU B 125 19.77 1.42 9.92
CA LEU B 125 20.28 0.09 9.63
C LEU B 125 20.97 -0.43 10.87
N THR B 126 21.67 0.44 11.56
CA THR B 126 22.41 0.06 12.75
C THR B 126 21.41 -0.49 13.73
N SER B 127 20.21 0.07 13.73
CA SER B 127 19.17 -0.36 14.64
C SER B 127 18.43 -1.57 14.10
N GLY B 128 18.81 -2.04 12.93
CA GLY B 128 18.17 -3.21 12.35
C GLY B 128 16.91 -2.98 11.53
N GLY B 129 16.65 -1.73 11.20
CA GLY B 129 15.49 -1.36 10.42
C GLY B 129 15.93 -0.66 9.16
N ALA B 130 15.18 -0.84 8.08
CA ALA B 130 15.47 -0.17 6.83
C ALA B 130 14.19 0.36 6.25
N SER B 131 14.13 1.66 6.02
CA SER B 131 12.98 2.26 5.38
C SER B 131 13.42 3.09 4.22
N VAL B 132 12.82 2.87 3.06
CA VAL B 132 13.16 3.63 1.89
C VAL B 132 12.07 4.66 1.71
N VAL B 133 12.47 5.92 1.60
CA VAL B 133 11.53 7.01 1.62
C VAL B 133 11.47 7.67 0.27
N CYS B 134 10.27 8.00 -0.18
CA CYS B 134 10.13 8.63 -1.48
C CYS B 134 9.19 9.82 -1.38
N PHE B 135 9.62 10.95 -1.93
CA PHE B 135 8.82 12.14 -1.89
C PHE B 135 8.37 12.51 -3.29
N LEU B 136 7.07 12.74 -3.45
CA LEU B 136 6.57 13.31 -4.66
C LEU B 136 6.01 14.62 -4.22
N ASN B 137 6.42 15.71 -4.86
CA ASN B 137 6.10 17.03 -4.37
C ASN B 137 5.53 17.99 -5.39
N ASN B 138 4.68 18.90 -4.94
CA ASN B 138 4.20 19.97 -5.79
C ASN B 138 3.58 19.52 -7.10
N PHE B 139 2.65 18.57 -7.04
CA PHE B 139 2.02 18.04 -8.24
C PHE B 139 0.51 18.23 -8.27
N TYR B 140 -0.02 18.60 -9.42
CA TYR B 140 -1.45 18.69 -9.62
C TYR B 140 -1.71 18.00 -10.93
N PRO B 141 -2.79 17.26 -11.06
CA PRO B 141 -3.85 17.12 -10.05
C PRO B 141 -3.51 16.13 -8.95
N LYS B 142 -4.36 16.07 -7.94
CA LYS B 142 -4.12 15.27 -6.76
C LYS B 142 -4.00 13.78 -7.04
N ASP B 143 -4.80 13.28 -7.96
CA ASP B 143 -4.76 11.85 -8.22
C ASP B 143 -3.40 11.47 -8.77
N ILE B 144 -2.78 10.49 -8.16
CA ILE B 144 -1.49 10.00 -8.61
C ILE B 144 -1.33 8.55 -8.16
N ASN B 145 -0.52 7.79 -8.87
CA ASN B 145 -0.24 6.42 -8.46
C ASN B 145 1.24 6.22 -8.23
N VAL B 146 1.59 5.68 -7.08
CA VAL B 146 2.98 5.38 -6.79
C VAL B 146 3.21 3.88 -6.78
N LYS B 147 4.18 3.44 -7.57
CA LYS B 147 4.52 2.04 -7.68
C LYS B 147 5.94 1.80 -7.24
N TRP B 148 6.14 0.81 -6.39
CA TRP B 148 7.43 0.55 -5.82
C TRP B 148 8.01 -0.65 -6.47
N LYS B 149 9.21 -0.51 -6.99
CA LYS B 149 9.86 -1.62 -7.67
C LYS B 149 11.15 -2.02 -6.97
N ILE B 150 11.27 -3.30 -6.69
CA ILE B 150 12.50 -3.86 -6.14
C ILE B 150 13.09 -4.79 -7.19
N ASP B 151 14.37 -4.63 -7.46
CA ASP B 151 15.02 -5.40 -8.52
C ASP B 151 14.07 -5.71 -9.67
N GLY B 152 13.31 -4.71 -10.10
CA GLY B 152 12.46 -4.84 -11.26
C GLY B 152 11.15 -5.56 -10.97
N SER B 153 10.92 -5.86 -9.72
CA SER B 153 9.69 -6.55 -9.33
C SER B 153 8.90 -5.67 -8.39
N GLU B 154 7.62 -5.52 -8.67
CA GLU B 154 6.78 -4.64 -7.89
C GLU B 154 6.67 -5.13 -6.47
N ARG B 155 6.67 -4.21 -5.53
CA ARG B 155 6.35 -4.55 -4.15
C ARG B 155 5.18 -3.71 -3.72
N GLN B 156 4.10 -4.32 -3.26
CA GLN B 156 2.98 -3.55 -2.74
C GLN B 156 2.96 -3.49 -1.22
N ASN B 157 3.31 -4.61 -0.61
CA ASN B 157 3.31 -4.73 0.83
C ASN B 157 4.41 -3.92 1.48
N GLY B 158 4.11 -3.34 2.63
CA GLY B 158 5.11 -2.55 3.34
C GLY B 158 5.25 -1.13 2.87
N VAL B 159 4.32 -0.67 2.04
CA VAL B 159 4.35 0.68 1.54
C VAL B 159 3.35 1.53 2.30
N LEU B 160 3.82 2.64 2.84
CA LEU B 160 2.98 3.52 3.63
C LEU B 160 2.92 4.89 3.00
N ASN B 161 1.71 5.42 2.84
CA ASN B 161 1.50 6.67 2.12
C ASN B 161 0.79 7.79 2.87
N SER B 162 1.33 9.00 2.77
CA SER B 162 0.68 10.17 3.34
C SER B 162 0.57 11.28 2.30
N TRP B 163 -0.60 11.91 2.20
CA TRP B 163 -0.80 13.01 1.27
C TRP B 163 -1.12 14.26 2.01
N THR B 164 -0.42 15.35 1.70
CA THR B 164 -0.75 16.65 2.28
C THR B 164 -1.99 17.29 1.67
N ASP B 165 -2.63 18.17 2.43
CA ASP B 165 -3.77 18.95 1.94
C ASP B 165 -3.27 19.98 0.95
N GLN B 166 -4.15 20.47 0.07
CA GLN B 166 -3.70 21.37 -0.98
C GLN B 166 -2.97 22.57 -0.38
N ASP B 167 -1.77 22.82 -0.88
CA ASP B 167 -0.91 23.88 -0.37
C ASP B 167 -1.55 25.23 -0.67
N SER B 168 -1.74 26.04 0.36
CA SER B 168 -2.37 27.33 0.16
C SER B 168 -1.49 28.12 -0.76
N LYS B 169 -0.19 27.98 -0.58
CA LYS B 169 0.77 28.78 -1.34
C LYS B 169 0.76 28.57 -2.85
N ASP B 170 0.74 27.33 -3.33
CA ASP B 170 0.76 27.11 -4.77
C ASP B 170 -0.40 26.30 -5.37
N SER B 171 -1.31 25.82 -4.53
CA SER B 171 -2.42 25.02 -4.99
C SER B 171 -2.02 23.62 -5.39
N THR B 172 -0.87 23.15 -4.90
CA THR B 172 -0.38 21.82 -5.25
C THR B 172 -0.18 20.87 -4.08
N TYR B 173 -0.64 19.63 -4.25
CA TYR B 173 -0.43 18.55 -3.30
C TYR B 173 0.97 17.97 -3.33
N SER B 174 1.38 17.34 -2.23
CA SER B 174 2.60 16.55 -2.19
C SER B 174 2.37 15.31 -1.33
N MET B 175 3.14 14.26 -1.55
CA MET B 175 2.93 13.02 -0.80
C MET B 175 4.22 12.29 -0.50
N SER B 176 4.23 11.50 0.55
CA SER B 176 5.39 10.68 0.86
C SER B 176 5.01 9.22 0.98
N SER B 177 5.70 8.35 0.27
CA SER B 177 5.46 6.92 0.40
C SER B 177 6.73 6.22 0.84
N THR B 178 6.64 5.46 1.92
CA THR B 178 7.78 4.79 2.50
C THR B 178 7.62 3.29 2.45
N LEU B 179 8.64 2.60 1.98
CA LEU B 179 8.63 1.15 1.99
C LEU B 179 9.54 0.70 3.10
N THR B 180 9.02 -0.11 4.01
CA THR B 180 9.80 -0.49 5.18
C THR B 180 10.09 -1.97 5.22
N LEU B 181 11.35 -2.29 5.41
CA LEU B 181 11.80 -3.66 5.56
C LEU B 181 12.84 -3.73 6.65
N THR B 182 13.08 -4.93 7.14
CA THR B 182 14.16 -5.18 8.08
C THR B 182 15.46 -5.03 7.33
N LYS B 183 16.55 -4.77 8.03
CA LYS B 183 17.84 -4.58 7.38
C LYS B 183 18.27 -5.84 6.64
N ASP B 184 18.07 -6.99 7.27
CA ASP B 184 18.48 -8.22 6.65
C ASP B 184 17.70 -8.43 5.37
N GLU B 185 16.41 -8.14 5.43
CA GLU B 185 15.58 -8.21 4.25
C GLU B 185 16.03 -7.18 3.24
N TYR B 186 16.33 -5.99 3.73
CA TYR B 186 16.79 -4.93 2.85
C TYR B 186 18.10 -5.33 2.18
N GLU B 187 18.94 -6.05 2.91
CA GLU B 187 20.26 -6.45 2.42
C GLU B 187 20.20 -7.69 1.54
N ARG B 188 19.01 -8.12 1.16
CA ARG B 188 18.84 -9.21 0.20
C ARG B 188 18.76 -8.75 -1.25
N HIS B 189 18.68 -7.45 -1.47
CA HIS B 189 18.43 -6.89 -2.78
C HIS B 189 19.38 -5.79 -3.07
N ASN B 190 19.59 -5.49 -4.34
CA ASN B 190 20.54 -4.44 -4.69
C ASN B 190 19.98 -3.16 -5.28
N SER B 191 18.81 -3.22 -5.89
CA SER B 191 18.26 -2.02 -6.52
C SER B 191 16.83 -1.69 -6.10
N TYR B 192 16.60 -0.45 -5.70
CA TYR B 192 15.29 0.04 -5.30
C TYR B 192 14.86 1.25 -6.12
N THR B 193 13.61 1.24 -6.57
CA THR B 193 13.12 2.32 -7.42
C THR B 193 11.75 2.89 -7.03
N CYS B 194 11.59 4.19 -7.25
CA CYS B 194 10.36 4.93 -6.93
C CYS B 194 9.70 5.31 -8.24
N GLU B 195 8.49 4.83 -8.50
CA GLU B 195 7.86 5.14 -9.78
C GLU B 195 6.54 5.88 -9.61
N ALA B 196 6.41 6.99 -10.30
CA ALA B 196 5.20 7.81 -10.21
C ALA B 196 4.50 7.92 -11.54
N THR B 197 3.20 7.68 -11.55
CA THR B 197 2.42 7.84 -12.77
C THR B 197 1.44 8.97 -12.60
N HIS B 198 1.45 9.92 -13.53
CA HIS B 198 0.64 11.11 -13.41
C HIS B 198 -0.16 11.48 -14.62
N LYS B 199 -1.15 12.34 -14.42
CA LYS B 199 -1.97 12.79 -15.53
C LYS B 199 -1.05 13.49 -16.50
N THR B 200 -0.09 14.23 -15.94
CA THR B 200 0.78 15.08 -16.73
C THR B 200 1.60 14.30 -17.76
N SER B 201 2.09 13.12 -17.39
CA SER B 201 3.02 12.39 -18.25
C SER B 201 2.54 11.03 -18.71
N THR B 202 2.79 10.72 -19.97
CA THR B 202 2.48 9.41 -20.54
C THR B 202 3.28 8.31 -19.87
N SER B 203 4.54 8.60 -19.60
CA SER B 203 5.47 7.64 -19.05
C SER B 203 5.95 8.10 -17.68
N PRO B 204 5.89 7.19 -16.72
CA PRO B 204 6.07 7.52 -15.31
C PRO B 204 7.43 8.07 -14.94
N ILE B 205 7.46 8.99 -13.99
CA ILE B 205 8.70 9.52 -13.45
C ILE B 205 9.30 8.49 -12.52
N VAL B 206 10.58 8.22 -12.68
CA VAL B 206 11.23 7.19 -11.90
C VAL B 206 12.48 7.69 -11.23
N LYS B 207 12.66 7.30 -9.98
CA LYS B 207 13.88 7.53 -9.25
C LYS B 207 14.26 6.23 -8.57
N SER B 208 15.47 5.75 -8.83
CA SER B 208 15.94 4.53 -8.19
C SER B 208 17.40 4.64 -7.80
N PHE B 209 17.80 3.83 -6.83
CA PHE B 209 19.18 3.83 -6.35
C PHE B 209 19.66 2.41 -6.14
N ASN B 210 20.97 2.23 -6.12
CA ASN B 210 21.58 0.92 -5.93
C ASN B 210 22.40 0.89 -4.66
N ARG B 211 22.32 -0.22 -3.93
CA ARG B 211 22.97 -0.32 -2.65
C ARG B 211 24.45 -0.12 -2.83
N ASN B 212 24.98 -0.71 -3.90
CA ASN B 212 26.40 -0.58 -4.21
C ASN B 212 27.12 -1.91 -4.04
N VAL C 1 36.42 -9.49 -46.98
CA VAL C 1 37.08 -10.12 -48.11
C VAL C 1 38.30 -10.93 -47.65
N GLU C 2 38.79 -10.62 -46.45
CA GLU C 2 39.88 -11.39 -45.86
C GLU C 2 39.32 -12.36 -44.81
N CYS C 3 39.85 -13.57 -44.80
CA CYS C 3 39.34 -14.62 -43.90
C CYS C 3 39.45 -14.25 -42.42
N ASP C 4 38.35 -14.44 -41.70
CA ASP C 4 38.23 -14.01 -40.31
C ASP C 4 38.57 -15.11 -39.30
N PHE C 5 39.79 -15.07 -38.78
CA PHE C 5 40.24 -16.05 -37.78
C PHE C 5 39.95 -15.60 -36.35
N SER C 6 39.22 -14.51 -36.24
CA SER C 6 39.10 -13.79 -34.99
C SER C 6 38.49 -14.60 -33.88
N PRO C 7 37.44 -15.33 -34.17
CA PRO C 7 36.66 -15.96 -33.14
C PRO C 7 37.51 -16.90 -32.37
N LEU C 8 38.47 -17.48 -33.06
CA LEU C 8 39.32 -18.44 -32.42
C LEU C 8 39.99 -17.68 -31.33
N LEU C 9 40.35 -16.47 -31.68
CA LEU C 9 41.24 -15.66 -30.89
C LEU C 9 40.72 -15.33 -29.52
N SER C 10 39.45 -15.00 -29.44
CA SER C 10 38.90 -14.49 -28.19
C SER C 10 37.93 -15.42 -27.49
N GLY C 11 38.23 -15.68 -26.22
CA GLY C 11 37.43 -16.55 -25.38
C GLY C 11 38.12 -17.87 -25.24
N THR C 12 37.78 -18.62 -24.20
CA THR C 12 38.42 -19.88 -23.89
C THR C 12 38.13 -21.00 -24.89
N PRO C 13 39.17 -21.74 -25.24
CA PRO C 13 39.11 -22.83 -26.22
C PRO C 13 38.48 -24.12 -25.70
N PRO C 14 37.80 -24.82 -26.58
CA PRO C 14 37.17 -26.10 -26.27
C PRO C 14 38.17 -27.23 -26.13
N GLN C 15 37.79 -28.26 -25.38
CA GLN C 15 38.51 -29.52 -25.29
C GLN C 15 38.35 -30.26 -26.62
N VAL C 16 39.30 -31.11 -26.96
CA VAL C 16 39.38 -31.64 -28.31
C VAL C 16 38.12 -32.35 -28.81
N TYR C 17 37.48 -33.14 -27.96
CA TYR C 17 36.33 -33.90 -28.40
C TYR C 17 35.13 -33.08 -28.79
N ASN C 18 35.16 -31.81 -28.43
CA ASN C 18 34.17 -30.89 -28.86
C ASN C 18 34.92 -29.76 -29.46
N PHE C 19 35.74 -30.07 -30.42
CA PHE C 19 36.60 -29.07 -30.96
C PHE C 19 35.65 -28.17 -31.67
N LYS C 20 36.09 -26.99 -32.00
CA LYS C 20 35.21 -26.04 -32.61
C LYS C 20 35.66 -25.69 -34.01
N ARG C 21 34.76 -25.79 -34.96
CA ARG C 21 35.09 -25.73 -36.36
C ARG C 21 34.67 -24.42 -36.93
N LEU C 22 35.44 -23.93 -37.88
CA LEU C 22 35.05 -22.72 -38.56
C LEU C 22 35.18 -23.04 -40.01
N VAL C 23 34.30 -22.47 -40.81
CA VAL C 23 34.30 -22.75 -42.21
C VAL C 23 34.43 -21.48 -42.99
N PHE C 24 35.28 -21.45 -44.01
CA PHE C 24 35.47 -20.22 -44.74
C PHE C 24 35.04 -20.34 -46.17
N THR C 25 34.47 -19.27 -46.68
CA THR C 25 34.11 -19.25 -48.07
C THR C 25 34.33 -17.83 -48.56
N ASN C 26 34.58 -17.70 -49.83
CA ASN C 26 34.68 -16.42 -50.52
C ASN C 26 35.50 -15.37 -49.77
N CYS C 27 36.68 -15.79 -49.34
CA CYS C 27 37.69 -14.93 -48.78
C CYS C 27 39.02 -15.64 -48.98
N ASN C 28 40.11 -14.89 -49.02
CA ASN C 28 41.43 -15.49 -48.99
C ASN C 28 42.13 -15.01 -47.75
N TYR C 29 42.59 -15.93 -46.92
CA TYR C 29 43.14 -15.58 -45.62
C TYR C 29 44.59 -15.98 -45.54
N ASN C 30 45.45 -15.08 -45.06
CA ASN C 30 46.86 -15.38 -45.01
C ASN C 30 47.22 -16.13 -43.73
N LEU C 31 47.65 -17.37 -43.92
CA LEU C 31 47.95 -18.25 -42.82
C LEU C 31 49.11 -17.73 -42.01
N THR C 32 50.13 -17.19 -42.67
CA THR C 32 51.31 -16.69 -41.97
C THR C 32 50.92 -15.69 -40.89
N LYS C 33 49.84 -14.94 -41.15
CA LYS C 33 49.30 -13.98 -40.20
C LYS C 33 48.80 -14.69 -38.94
N LEU C 34 48.10 -15.80 -39.13
CA LEU C 34 47.59 -16.58 -38.03
C LEU C 34 48.72 -17.30 -37.28
N LEU C 35 49.62 -17.92 -38.04
CA LEU C 35 50.70 -18.70 -37.46
C LEU C 35 51.75 -17.85 -36.75
N SER C 36 51.79 -16.55 -37.07
CA SER C 36 52.77 -15.67 -36.45
C SER C 36 52.34 -15.24 -35.06
N LEU C 37 51.05 -15.36 -34.78
CA LEU C 37 50.51 -15.01 -33.46
C LEU C 37 50.71 -16.15 -32.45
N PHE C 38 51.17 -17.30 -32.94
CA PHE C 38 51.38 -18.45 -32.08
C PHE C 38 52.82 -18.95 -32.19
N SER C 39 53.21 -19.80 -31.24
CA SER C 39 54.51 -20.47 -31.25
C SER C 39 54.34 -21.90 -31.73
N VAL C 40 54.52 -22.13 -33.02
CA VAL C 40 54.26 -23.44 -33.57
C VAL C 40 55.29 -24.47 -33.13
N ASN C 41 54.82 -25.64 -32.74
CA ASN C 41 55.75 -26.71 -32.37
C ASN C 41 55.98 -27.68 -33.50
N ASP C 42 54.89 -28.14 -34.12
CA ASP C 42 54.98 -29.03 -35.26
C ASP C 42 53.94 -28.67 -36.30
N PHE C 43 54.32 -28.65 -37.57
CA PHE C 43 53.39 -28.40 -38.64
C PHE C 43 53.50 -29.53 -39.66
N THR C 44 52.38 -30.18 -39.98
CA THR C 44 52.40 -31.35 -40.85
C THR C 44 51.21 -31.40 -41.79
N CYS C 45 51.31 -32.18 -42.87
CA CYS C 45 50.16 -32.37 -43.74
C CYS C 45 50.17 -33.72 -44.47
N SER C 46 48.99 -34.13 -44.92
CA SER C 46 48.82 -35.37 -45.67
C SER C 46 48.14 -35.06 -47.01
N GLN C 47 48.68 -35.64 -48.08
CA GLN C 47 48.14 -35.49 -49.43
C GLN C 47 48.35 -34.07 -49.94
N ILE C 48 49.18 -33.32 -49.22
CA ILE C 48 49.58 -31.97 -49.62
C ILE C 48 50.78 -31.56 -48.77
N SER C 49 51.40 -30.44 -49.12
CA SER C 49 52.58 -29.97 -48.39
C SER C 49 52.29 -28.63 -47.74
N PRO C 50 52.96 -28.34 -46.62
CA PRO C 50 52.77 -27.09 -45.87
C PRO C 50 52.92 -25.84 -46.73
N ALA C 51 53.76 -25.92 -47.76
CA ALA C 51 53.95 -24.81 -48.68
C ALA C 51 52.80 -24.73 -49.69
N ALA C 52 52.25 -25.88 -50.07
CA ALA C 52 51.19 -25.93 -51.06
C ALA C 52 49.84 -25.48 -50.47
N ILE C 53 49.59 -25.89 -49.23
CA ILE C 53 48.33 -25.57 -48.56
C ILE C 53 48.16 -24.06 -48.34
N ALA C 54 49.27 -23.34 -48.20
CA ALA C 54 49.23 -21.90 -47.95
C ALA C 54 49.22 -21.07 -49.22
N SER C 55 49.32 -21.73 -50.37
CA SER C 55 49.42 -21.03 -51.65
C SER C 55 48.56 -21.68 -52.74
N ASN C 56 47.34 -22.07 -52.40
CA ASN C 56 46.47 -22.72 -53.37
C ASN C 56 45.01 -22.29 -53.20
N CYS C 57 44.16 -22.58 -54.18
CA CYS C 57 42.76 -22.15 -54.15
C CYS C 57 41.78 -23.32 -53.97
N TYR C 58 40.77 -23.11 -53.14
CA TYR C 58 39.81 -24.16 -52.78
C TYR C 58 38.39 -23.64 -52.82
N SER C 59 37.42 -24.56 -52.89
CA SER C 59 36.02 -24.19 -52.80
C SER C 59 35.63 -23.77 -51.39
N SER C 60 36.22 -24.44 -50.40
CA SER C 60 36.03 -24.06 -49.00
C SER C 60 37.17 -24.57 -48.13
N LEU C 61 37.45 -23.86 -47.04
CA LEU C 61 38.49 -24.26 -46.10
C LEU C 61 37.90 -24.43 -44.70
N ILE C 62 38.23 -25.55 -44.06
CA ILE C 62 37.69 -25.87 -42.74
C ILE C 62 38.78 -25.87 -41.68
N LEU C 63 38.60 -25.03 -40.66
CA LEU C 63 39.58 -24.92 -39.57
C LEU C 63 39.02 -25.39 -38.23
N ASP C 64 39.70 -26.37 -37.63
CA ASP C 64 39.34 -26.85 -36.30
C ASP C 64 40.37 -26.38 -35.28
N TYR C 65 39.92 -25.77 -34.20
CA TYR C 65 40.82 -25.47 -33.10
C TYR C 65 40.28 -26.01 -31.77
N PHE C 66 41.20 -26.46 -30.93
CA PHE C 66 40.84 -27.06 -29.65
C PHE C 66 42.05 -27.06 -28.72
N SER C 67 41.80 -27.29 -27.43
CA SER C 67 42.89 -27.38 -26.47
C SER C 67 43.52 -28.77 -26.52
N TYR C 68 44.82 -28.82 -26.80
CA TYR C 68 45.54 -30.09 -26.84
C TYR C 68 46.95 -29.93 -26.27
N PRO C 69 47.34 -30.85 -25.37
CA PRO C 69 48.65 -30.76 -24.73
C PRO C 69 49.76 -31.34 -25.61
N LEU C 70 50.92 -30.71 -25.71
CA LEU C 70 51.90 -31.26 -26.61
C LEU C 70 52.24 -32.65 -26.13
N SER C 71 52.33 -32.78 -24.84
CA SER C 71 52.70 -34.10 -24.32
C SER C 71 52.07 -35.30 -25.03
N MET C 72 50.85 -35.12 -25.53
CA MET C 72 50.08 -36.19 -26.13
C MET C 72 50.08 -36.10 -27.67
N LYS C 73 51.07 -35.40 -28.23
CA LYS C 73 51.12 -35.15 -29.67
C LYS C 73 51.17 -36.42 -30.50
N SER C 74 51.78 -37.47 -29.95
CA SER C 74 51.89 -38.76 -30.61
C SER C 74 50.54 -39.41 -30.88
N ASP C 75 49.60 -39.23 -29.95
CA ASP C 75 48.28 -39.85 -30.04
C ASP C 75 47.42 -39.30 -31.19
N LEU C 76 47.76 -38.10 -31.65
CA LEU C 76 47.01 -37.40 -32.69
C LEU C 76 47.17 -37.90 -34.13
N SER C 77 48.35 -38.41 -34.48
CA SER C 77 48.59 -38.76 -35.88
C SER C 77 47.82 -40.01 -36.21
N VAL C 78 47.56 -40.25 -37.48
CA VAL C 78 46.58 -41.23 -37.92
C VAL C 78 46.78 -42.69 -37.60
N SER C 79 48.03 -43.14 -37.56
CA SER C 79 48.28 -44.55 -37.37
C SER C 79 47.74 -45.02 -36.04
N SER C 80 47.69 -44.13 -35.06
CA SER C 80 47.54 -44.46 -33.66
C SER C 80 46.28 -45.21 -33.27
N ALA C 81 46.45 -46.15 -32.35
CA ALA C 81 45.34 -46.94 -31.81
C ALA C 81 44.75 -46.26 -30.58
N GLY C 82 45.39 -45.14 -30.24
CA GLY C 82 45.02 -44.31 -29.12
C GLY C 82 43.65 -43.71 -29.33
N PRO C 83 42.92 -43.58 -28.24
CA PRO C 83 41.56 -43.09 -28.31
C PRO C 83 41.53 -41.73 -28.89
N ILE C 84 42.50 -40.90 -28.62
CA ILE C 84 42.26 -39.56 -29.03
C ILE C 84 41.91 -39.62 -30.50
N SER C 85 42.68 -40.33 -31.31
CA SER C 85 42.28 -40.52 -32.68
C SER C 85 41.06 -41.40 -32.79
N GLN C 86 41.02 -42.45 -31.99
CA GLN C 86 39.93 -43.39 -32.05
C GLN C 86 38.56 -42.84 -31.69
N PHE C 87 38.46 -42.06 -30.62
CA PHE C 87 37.15 -41.61 -30.12
C PHE C 87 36.90 -40.12 -30.03
N ASN C 88 37.90 -39.32 -30.29
CA ASN C 88 37.88 -37.86 -30.15
C ASN C 88 38.00 -37.10 -31.46
N TYR C 89 39.11 -37.29 -32.16
CA TYR C 89 39.34 -36.51 -33.38
C TYR C 89 40.01 -37.34 -34.47
N LYS C 90 39.40 -37.38 -35.64
CA LYS C 90 40.03 -38.03 -36.78
C LYS C 90 39.80 -37.19 -38.04
N GLN C 91 40.90 -36.87 -38.74
CA GLN C 91 40.83 -36.04 -39.94
C GLN C 91 40.39 -36.80 -41.17
N SER C 92 40.05 -36.05 -42.20
CA SER C 92 39.56 -36.62 -43.44
C SER C 92 40.61 -37.46 -44.15
N PHE C 93 40.21 -38.70 -44.40
CA PHE C 93 40.90 -39.63 -45.26
C PHE C 93 40.82 -39.17 -46.72
N SER C 94 39.64 -38.70 -47.10
CA SER C 94 39.35 -38.34 -48.48
C SER C 94 40.08 -37.10 -49.00
N ASN C 95 40.20 -36.08 -48.15
CA ASN C 95 40.76 -34.80 -48.59
C ASN C 95 42.13 -34.53 -47.97
N PRO C 96 42.90 -33.61 -48.58
CA PRO C 96 44.19 -33.24 -47.96
C PRO C 96 43.98 -32.48 -46.65
N THR C 97 44.73 -32.87 -45.63
CA THR C 97 44.57 -32.29 -44.30
C THR C 97 45.90 -31.78 -43.76
N CYS C 98 45.82 -30.88 -42.78
CA CYS C 98 47.02 -30.43 -42.07
C CYS C 98 46.79 -30.44 -40.58
N LEU C 99 47.84 -30.66 -39.79
CA LEU C 99 47.70 -30.56 -38.34
C LEU C 99 48.77 -29.73 -37.73
N ILE C 100 48.38 -28.74 -36.95
CA ILE C 100 49.29 -27.79 -36.39
C ILE C 100 49.24 -27.82 -34.89
N LEU C 101 50.37 -27.86 -34.22
CA LEU C 101 50.39 -27.83 -32.76
C LEU C 101 51.14 -26.59 -32.33
N ALA C 102 50.56 -25.83 -31.43
CA ALA C 102 51.09 -24.52 -31.11
C ALA C 102 50.81 -24.15 -29.70
N THR C 103 51.55 -23.17 -29.23
CA THR C 103 51.43 -22.70 -27.85
C THR C 103 51.06 -21.22 -27.86
N VAL C 104 50.18 -20.83 -26.94
CA VAL C 104 49.73 -19.44 -26.86
C VAL C 104 50.76 -18.58 -26.14
N PRO C 105 51.31 -17.57 -26.85
CA PRO C 105 52.28 -16.67 -26.22
C PRO C 105 51.65 -15.84 -25.12
N HIS C 106 52.47 -15.32 -24.22
CA HIS C 106 51.99 -14.47 -23.13
C HIS C 106 51.42 -13.15 -23.64
N ASN C 107 51.89 -12.70 -24.80
CA ASN C 107 51.36 -11.49 -25.42
C ASN C 107 49.89 -11.65 -25.80
N LEU C 108 49.50 -12.89 -26.09
CA LEU C 108 48.16 -13.17 -26.60
C LEU C 108 47.20 -13.34 -25.42
N THR C 109 46.87 -12.23 -24.75
CA THR C 109 46.04 -12.23 -23.54
C THR C 109 44.58 -12.63 -23.76
N THR C 110 44.05 -12.33 -24.94
CA THR C 110 42.62 -12.50 -25.23
C THR C 110 42.13 -13.94 -25.08
N ILE C 111 42.97 -14.91 -25.41
CA ILE C 111 42.62 -16.29 -25.18
C ILE C 111 42.74 -16.55 -23.71
N THR C 112 42.14 -17.62 -23.20
CA THR C 112 42.22 -17.90 -21.78
C THR C 112 42.36 -19.38 -21.44
N LYS C 113 42.98 -19.69 -20.32
CA LYS C 113 43.23 -21.07 -19.94
C LYS C 113 41.99 -21.76 -19.47
N PRO C 114 41.90 -23.06 -19.72
CA PRO C 114 40.86 -23.90 -19.14
C PRO C 114 41.31 -24.52 -17.84
N LEU C 115 40.40 -25.17 -17.13
CA LEU C 115 40.73 -25.85 -15.89
C LEU C 115 41.70 -27.01 -16.07
N LYS C 116 41.54 -27.76 -17.13
CA LYS C 116 42.38 -28.92 -17.35
C LYS C 116 42.32 -29.27 -18.78
N TYR C 117 42.97 -30.36 -19.13
CA TYR C 117 43.02 -30.84 -20.48
C TYR C 117 42.23 -32.12 -20.43
N SER C 118 41.30 -32.29 -21.34
CA SER C 118 40.38 -33.40 -21.27
C SER C 118 40.23 -34.11 -22.61
N TYR C 119 39.92 -35.38 -22.56
CA TYR C 119 39.74 -36.16 -23.75
C TYR C 119 38.95 -37.41 -23.36
N ILE C 120 38.44 -38.14 -24.34
CA ILE C 120 37.55 -39.25 -24.05
C ILE C 120 38.22 -40.58 -24.27
N ASN C 121 38.31 -41.37 -23.21
CA ASN C 121 38.91 -42.69 -23.35
C ASN C 121 38.10 -43.64 -24.24
N LYS C 122 36.78 -43.62 -24.12
CA LYS C 122 35.93 -44.49 -24.91
C LYS C 122 34.51 -43.96 -25.07
N CYS C 123 33.82 -44.40 -26.12
CA CYS C 123 32.35 -44.25 -26.25
C CYS C 123 31.81 -45.60 -26.63
N SER C 124 30.71 -46.03 -26.03
CA SER C 124 30.12 -47.31 -26.41
C SER C 124 28.61 -47.19 -26.34
N ARG C 125 27.86 -47.99 -27.09
CA ARG C 125 26.41 -48.02 -26.90
C ARG C 125 25.94 -49.37 -26.48
N PHE C 126 24.92 -49.42 -25.66
CA PHE C 126 24.45 -50.70 -25.22
C PHE C 126 22.97 -50.91 -25.40
N LEU C 127 22.63 -51.93 -26.18
CA LEU C 127 21.29 -52.12 -26.65
C LEU C 127 20.44 -52.47 -25.48
N SER C 128 19.14 -52.30 -25.64
CA SER C 128 18.29 -52.44 -24.51
C SER C 128 18.55 -53.80 -24.05
N ASP C 129 18.70 -54.71 -24.97
CA ASP C 129 18.86 -56.06 -24.51
C ASP C 129 19.92 -55.69 -23.54
N ASP C 130 19.79 -56.22 -22.34
CA ASP C 130 19.94 -55.46 -21.15
C ASP C 130 21.31 -54.83 -21.07
N ARG C 131 22.34 -55.55 -21.47
CA ARG C 131 23.50 -54.92 -22.04
C ARG C 131 24.23 -55.81 -23.02
N THR C 132 24.74 -55.21 -24.08
CA THR C 132 25.70 -55.83 -24.95
C THR C 132 26.45 -54.73 -25.66
N GLU C 133 27.65 -54.47 -25.24
CA GLU C 133 28.32 -53.26 -25.65
C GLU C 133 28.58 -53.16 -27.12
N VAL C 134 28.30 -51.99 -27.66
CA VAL C 134 28.85 -51.61 -28.93
C VAL C 134 29.72 -50.40 -28.71
N PRO C 135 30.93 -50.44 -29.22
CA PRO C 135 31.79 -49.26 -29.17
C PRO C 135 31.49 -48.31 -30.33
N GLN C 136 31.53 -47.01 -30.05
CA GLN C 136 31.26 -46.02 -31.09
C GLN C 136 32.52 -45.30 -31.48
N LEU C 137 32.97 -45.58 -32.70
CA LEU C 137 34.24 -45.07 -33.17
C LEU C 137 33.99 -43.86 -34.05
N VAL C 138 34.76 -42.80 -33.82
CA VAL C 138 34.52 -41.54 -34.48
C VAL C 138 34.79 -41.66 -35.99
N ASN C 139 33.89 -41.09 -36.78
CA ASN C 139 34.07 -41.03 -38.22
C ASN C 139 34.97 -39.85 -38.56
N ALA C 140 35.55 -39.85 -39.75
CA ALA C 140 36.37 -38.73 -40.19
C ALA C 140 35.55 -37.45 -40.26
N ASN C 141 36.10 -36.36 -39.71
CA ASN C 141 35.45 -35.05 -39.72
C ASN C 141 34.21 -34.99 -38.84
N GLN C 142 34.01 -35.99 -38.02
CA GLN C 142 32.77 -35.97 -37.30
C GLN C 142 32.95 -36.12 -35.80
N TYR C 143 32.05 -35.51 -35.06
CA TYR C 143 32.05 -35.50 -33.60
C TYR C 143 31.68 -36.88 -33.08
N SER C 144 32.21 -37.24 -31.92
CA SER C 144 31.85 -38.49 -31.26
C SER C 144 30.35 -38.48 -30.95
N PRO C 145 29.73 -39.66 -30.96
CA PRO C 145 28.32 -39.72 -30.54
C PRO C 145 28.15 -39.31 -29.06
N CYS C 146 29.21 -39.43 -28.29
CA CYS C 146 29.18 -39.19 -26.84
C CYS C 146 29.39 -37.74 -26.38
N VAL C 147 29.58 -36.80 -27.31
CA VAL C 147 29.72 -35.40 -26.93
C VAL C 147 28.47 -34.90 -26.20
N SER C 148 27.34 -35.53 -26.51
CA SER C 148 26.07 -35.18 -25.88
C SER C 148 25.99 -35.54 -24.40
N ILE C 149 26.72 -36.57 -23.98
CA ILE C 149 26.69 -37.04 -22.60
C ILE C 149 27.93 -36.73 -21.76
N VAL C 150 28.83 -35.93 -22.32
CA VAL C 150 30.09 -35.65 -21.65
C VAL C 150 30.23 -34.16 -21.36
N PRO C 151 30.71 -33.83 -20.19
CA PRO C 151 30.82 -32.44 -19.77
C PRO C 151 31.79 -31.73 -20.67
N SER C 152 31.65 -30.42 -20.82
CA SER C 152 32.44 -29.68 -21.77
C SER C 152 33.86 -29.90 -21.34
N THR C 153 34.04 -29.96 -20.03
CA THR C 153 35.30 -30.29 -19.39
C THR C 153 35.02 -31.39 -18.37
N VAL C 154 35.82 -32.45 -18.42
CA VAL C 154 35.63 -33.57 -17.51
C VAL C 154 35.92 -33.18 -16.07
N TRP C 155 34.99 -33.50 -15.17
CA TRP C 155 35.10 -33.11 -13.77
C TRP C 155 36.31 -33.74 -13.11
N GLU C 156 36.43 -35.06 -13.22
CA GLU C 156 37.52 -35.79 -12.60
C GLU C 156 38.02 -36.88 -13.53
N ASP C 157 39.32 -37.13 -13.52
CA ASP C 157 39.90 -38.18 -14.36
C ASP C 157 39.36 -39.56 -14.00
N GLY C 158 38.99 -40.33 -15.02
CA GLY C 158 38.44 -41.66 -14.81
C GLY C 158 36.94 -41.66 -14.59
N ASP C 159 36.31 -40.51 -14.80
CA ASP C 159 34.86 -40.40 -14.64
C ASP C 159 34.09 -41.19 -15.70
N TYR C 160 32.90 -41.65 -15.31
CA TYR C 160 31.94 -42.20 -16.26
C TYR C 160 30.72 -41.30 -16.39
N TYR C 161 30.28 -41.11 -17.63
CA TYR C 161 29.06 -40.36 -17.92
C TYR C 161 28.12 -41.22 -18.75
N ARG C 162 26.85 -41.20 -18.42
CA ARG C 162 25.89 -42.07 -19.11
C ARG C 162 24.50 -41.44 -19.14
N LYS C 163 23.76 -41.73 -20.21
CA LYS C 163 22.43 -41.18 -20.38
C LYS C 163 21.55 -42.15 -21.15
N GLN C 164 20.40 -42.48 -20.59
CA GLN C 164 19.61 -43.55 -21.09
C GLN C 164 18.97 -43.12 -22.37
N LEU C 165 18.57 -44.08 -23.19
CA LEU C 165 18.14 -43.81 -24.56
C LEU C 165 16.68 -43.97 -24.81
N SER C 166 16.12 -42.97 -25.44
CA SER C 166 14.71 -42.89 -25.62
C SER C 166 14.49 -44.10 -26.45
N PRO C 167 13.31 -44.69 -26.35
CA PRO C 167 13.03 -45.90 -27.11
C PRO C 167 13.14 -45.65 -28.59
N LEU C 168 12.67 -44.52 -29.05
CA LEU C 168 12.66 -44.23 -30.44
C LEU C 168 14.08 -44.27 -30.95
N GLU C 169 14.98 -43.73 -30.16
CA GLU C 169 16.38 -43.72 -30.51
C GLU C 169 16.81 -45.14 -30.55
N GLY C 170 16.07 -45.98 -29.83
CA GLY C 170 16.31 -47.42 -29.84
C GLY C 170 16.32 -48.11 -28.51
N GLY C 171 16.34 -47.35 -27.44
CA GLY C 171 16.27 -47.96 -26.14
C GLY C 171 17.69 -48.26 -25.79
N GLY C 172 18.00 -48.30 -24.49
CA GLY C 172 19.34 -48.67 -24.08
C GLY C 172 20.25 -47.48 -24.02
N TRP C 173 21.28 -47.63 -23.20
CA TRP C 173 22.18 -46.56 -22.82
C TRP C 173 23.31 -46.27 -23.71
N LEU C 174 23.90 -45.11 -23.52
CA LEU C 174 25.17 -44.73 -24.11
C LEU C 174 26.16 -44.35 -23.03
N VAL C 175 27.33 -44.98 -23.03
CA VAL C 175 28.30 -44.78 -21.98
C VAL C 175 29.61 -44.27 -22.47
N ALA C 176 30.12 -43.29 -21.77
CA ALA C 176 31.45 -42.77 -22.08
C ALA C 176 32.32 -42.70 -20.84
N SER C 177 33.63 -42.64 -21.00
CA SER C 177 34.54 -42.43 -19.88
C SER C 177 35.61 -41.41 -20.22
N GLY C 178 36.14 -40.71 -19.23
CA GLY C 178 37.03 -39.60 -19.48
C GLY C 178 38.36 -39.60 -18.74
N SER C 179 39.31 -38.85 -19.26
CA SER C 179 40.62 -38.71 -18.65
C SER C 179 41.01 -37.26 -18.65
N THR C 180 41.94 -36.85 -17.79
CA THR C 180 42.32 -35.45 -17.74
C THR C 180 43.80 -35.32 -17.76
N VAL C 181 44.28 -34.14 -18.11
CA VAL C 181 45.69 -33.84 -18.00
C VAL C 181 45.91 -32.38 -17.66
N ALA C 182 46.66 -32.10 -16.61
CA ALA C 182 46.76 -30.75 -16.08
C ALA C 182 47.40 -29.76 -17.03
N MET C 183 47.03 -28.51 -16.87
CA MET C 183 47.35 -27.46 -17.83
C MET C 183 48.81 -27.00 -17.89
N THR C 184 49.17 -26.41 -19.02
CA THR C 184 50.45 -25.78 -19.22
C THR C 184 50.50 -24.43 -18.59
N GLU C 185 51.70 -23.91 -18.47
CA GLU C 185 51.91 -22.49 -18.18
C GLU C 185 51.22 -21.62 -19.20
N GLN C 186 51.37 -22.03 -20.45
CA GLN C 186 50.71 -21.38 -21.57
C GLN C 186 49.79 -22.39 -22.21
N LEU C 187 48.66 -21.93 -22.72
CA LEU C 187 47.71 -22.83 -23.34
C LEU C 187 48.30 -23.46 -24.59
N GLN C 188 48.24 -24.79 -24.66
CA GLN C 188 48.69 -25.52 -25.84
C GLN C 188 47.49 -25.98 -26.65
N MET C 189 47.55 -25.80 -27.96
CA MET C 189 46.41 -26.06 -28.82
C MET C 189 46.74 -26.95 -30.02
N GLY C 190 45.69 -27.43 -30.68
CA GLY C 190 45.83 -28.14 -31.93
C GLY C 190 45.02 -27.45 -33.01
N PHE C 191 45.54 -27.41 -34.23
CA PHE C 191 44.78 -26.86 -35.35
C PHE C 191 44.66 -27.86 -36.50
N GLY C 192 43.43 -28.10 -36.95
CA GLY C 192 43.18 -29.01 -38.04
C GLY C 192 42.58 -28.29 -39.25
N ILE C 193 43.20 -28.44 -40.40
CA ILE C 193 42.65 -27.80 -41.56
C ILE C 193 42.32 -28.82 -42.62
N THR C 194 41.27 -28.54 -43.37
CA THR C 194 40.85 -29.39 -44.42
C THR C 194 40.24 -28.49 -45.41
N VAL C 195 40.18 -28.91 -46.66
CA VAL C 195 39.61 -28.08 -47.66
C VAL C 195 38.81 -28.93 -48.60
N GLN C 196 37.82 -28.33 -49.23
CA GLN C 196 36.88 -29.05 -50.04
C GLN C 196 36.88 -28.51 -51.46
N TYR C 197 36.92 -29.40 -52.43
CA TYR C 197 36.91 -29.00 -53.82
C TYR C 197 35.50 -28.84 -54.34
N GLY C 198 35.35 -28.18 -55.50
CA GLY C 198 34.10 -28.26 -56.21
C GLY C 198 34.08 -27.19 -57.29
N THR C 199 32.90 -26.88 -57.79
CA THR C 199 32.74 -25.73 -58.68
C THR C 199 32.95 -24.51 -57.78
N ASP C 200 33.22 -23.35 -58.39
CA ASP C 200 33.57 -22.15 -57.62
C ASP C 200 34.76 -22.49 -56.71
N THR C 201 35.90 -22.79 -57.34
CA THR C 201 37.06 -23.27 -56.61
C THR C 201 38.14 -22.20 -56.55
N ASN C 202 37.75 -20.97 -56.91
CA ASN C 202 38.54 -19.80 -56.54
C ASN C 202 37.78 -18.96 -55.52
N SER C 203 37.28 -19.64 -54.50
CA SER C 203 36.52 -19.00 -53.42
C SER C 203 37.47 -18.61 -52.29
N VAL C 204 38.14 -19.58 -51.73
CA VAL C 204 38.96 -19.26 -50.61
C VAL C 204 40.22 -19.91 -50.98
N CYS C 205 41.06 -19.17 -51.67
CA CYS C 205 42.36 -19.67 -52.00
C CYS C 205 43.23 -18.79 -51.17
N PRO C 206 44.12 -19.41 -50.40
CA PRO C 206 44.70 -18.82 -49.20
C PRO C 206 46.04 -18.13 -49.34
N LYS C 207 46.04 -16.81 -49.26
CA LYS C 207 47.27 -16.03 -49.19
C LYS C 207 47.39 -15.08 -50.37
N VAL D 1 -56.56 22.16 2.45
CA VAL D 1 -57.62 23.16 2.47
C VAL D 1 -57.87 23.64 3.91
N GLU D 2 -57.43 22.86 4.89
CA GLU D 2 -57.52 23.26 6.29
C GLU D 2 -56.21 23.82 6.80
N CYS D 3 -56.30 24.90 7.58
CA CYS D 3 -55.13 25.57 8.12
C CYS D 3 -54.31 24.65 9.02
N ASP D 4 -53.01 24.60 8.79
CA ASP D 4 -52.14 23.67 9.48
C ASP D 4 -51.50 24.28 10.73
N PHE D 5 -52.06 23.96 11.89
CA PHE D 5 -51.52 24.44 13.16
C PHE D 5 -50.48 23.48 13.73
N SER D 6 -50.18 22.42 12.98
CA SER D 6 -49.34 21.32 13.48
C SER D 6 -47.90 21.69 13.92
N PRO D 7 -47.22 22.63 13.22
CA PRO D 7 -45.86 22.94 13.69
C PRO D 7 -45.82 23.44 15.13
N LEU D 8 -46.92 24.06 15.56
CA LEU D 8 -47.05 24.55 16.92
C LEU D 8 -46.96 23.41 17.93
N LEU D 9 -47.60 22.30 17.62
CA LEU D 9 -47.74 21.20 18.57
C LEU D 9 -46.52 20.29 18.61
N SER D 10 -45.61 20.45 17.65
CA SER D 10 -44.43 19.60 17.59
C SER D 10 -43.14 20.38 17.83
N GLY D 11 -42.28 19.87 18.70
CA GLY D 11 -40.99 20.46 18.92
C GLY D 11 -40.97 21.42 20.05
N THR D 12 -39.82 22.02 20.31
CA THR D 12 -39.67 22.91 21.44
C THR D 12 -39.72 24.36 21.02
N PRO D 13 -40.60 25.08 21.70
CA PRO D 13 -41.00 26.42 21.31
C PRO D 13 -39.99 27.48 21.59
N PRO D 14 -39.98 28.47 20.74
CA PRO D 14 -39.03 29.56 20.78
C PRO D 14 -39.39 30.57 21.83
N GLN D 15 -38.46 31.41 22.21
CA GLN D 15 -38.74 32.40 23.21
C GLN D 15 -39.37 33.57 22.57
N VAL D 16 -39.74 34.56 23.35
CA VAL D 16 -40.53 35.65 22.88
C VAL D 16 -39.87 36.49 21.82
N TYR D 17 -38.58 36.72 21.93
CA TYR D 17 -37.88 37.47 20.90
C TYR D 17 -37.78 36.83 19.52
N ASN D 18 -37.70 35.52 19.48
CA ASN D 18 -37.44 34.80 18.26
C ASN D 18 -38.60 33.95 17.93
N PHE D 19 -39.77 34.45 18.22
CA PHE D 19 -40.95 33.65 18.16
C PHE D 19 -41.16 33.14 16.77
N LYS D 20 -41.62 31.90 16.66
CA LYS D 20 -41.93 31.33 15.38
C LYS D 20 -43.19 31.96 14.92
N ARG D 21 -43.29 32.27 13.64
CA ARG D 21 -44.46 32.94 13.10
C ARG D 21 -44.99 32.18 11.93
N LEU D 22 -46.30 31.96 11.87
CA LEU D 22 -46.90 31.20 10.80
C LEU D 22 -47.82 32.08 10.05
N VAL D 23 -47.80 32.03 8.74
CA VAL D 23 -48.70 32.82 7.96
C VAL D 23 -49.61 31.94 7.15
N PHE D 24 -50.92 32.16 7.24
CA PHE D 24 -51.87 31.30 6.58
C PHE D 24 -52.61 32.03 5.52
N THR D 25 -52.76 31.42 4.36
CA THR D 25 -53.49 32.00 3.28
C THR D 25 -54.18 30.86 2.63
N ASN D 26 -55.31 31.13 1.99
CA ASN D 26 -56.00 30.08 1.27
C ASN D 26 -56.26 28.82 2.07
N CYS D 27 -56.91 28.93 3.22
CA CYS D 27 -57.24 27.72 3.97
C CYS D 27 -58.39 27.98 4.96
N ASN D 28 -58.95 26.93 5.53
CA ASN D 28 -60.08 27.06 6.46
C ASN D 28 -59.66 26.61 7.83
N TYR D 29 -60.11 27.30 8.88
CA TYR D 29 -59.64 27.05 10.25
C TYR D 29 -60.71 26.85 11.33
N ASN D 30 -60.36 26.17 12.41
CA ASN D 30 -61.29 25.99 13.53
C ASN D 30 -60.63 26.37 14.82
N LEU D 31 -60.47 27.65 15.03
CA LEU D 31 -59.71 28.21 16.14
C LEU D 31 -60.02 27.45 17.43
N THR D 32 -61.26 27.01 17.48
CA THR D 32 -61.80 26.33 18.60
C THR D 32 -60.88 25.15 18.68
N LYS D 33 -60.43 24.71 17.52
CA LYS D 33 -59.62 23.53 17.45
C LYS D 33 -58.37 23.70 18.21
N LEU D 34 -57.76 24.85 18.09
CA LEU D 34 -56.49 25.06 18.74
C LEU D 34 -56.53 25.11 20.22
N LEU D 35 -57.50 25.83 20.75
CA LEU D 35 -57.49 26.18 22.15
C LEU D 35 -58.18 25.11 22.92
N SER D 36 -58.67 24.13 22.19
CA SER D 36 -59.22 22.93 22.77
C SER D 36 -58.11 22.20 23.47
N LEU D 37 -56.95 22.26 22.86
CA LEU D 37 -55.74 21.61 23.28
C LEU D 37 -55.17 22.10 24.58
N PHE D 38 -55.31 23.39 24.82
CA PHE D 38 -54.57 24.10 25.85
C PHE D 38 -55.43 24.63 26.95
N SER D 39 -54.83 24.75 28.12
CA SER D 39 -55.48 25.34 29.27
C SER D 39 -55.34 26.85 29.24
N VAL D 40 -56.16 27.50 28.43
CA VAL D 40 -56.05 28.94 28.27
C VAL D 40 -56.34 29.69 29.54
N ASN D 41 -55.53 30.72 29.74
CA ASN D 41 -55.59 31.47 30.95
C ASN D 41 -55.89 32.94 30.75
N ASP D 42 -55.77 33.41 29.53
CA ASP D 42 -56.18 34.76 29.22
C ASP D 42 -56.43 34.82 27.75
N PHE D 43 -57.25 35.75 27.30
CA PHE D 43 -57.51 35.81 25.90
C PHE D 43 -58.21 37.11 25.55
N THR D 44 -57.42 38.11 25.16
CA THR D 44 -57.87 39.48 24.91
C THR D 44 -57.62 39.85 23.46
N CYS D 45 -58.51 40.65 22.88
CA CYS D 45 -58.30 41.18 21.54
C CYS D 45 -58.48 42.69 21.46
N SER D 46 -57.85 43.31 20.46
CA SER D 46 -58.02 44.73 20.26
C SER D 46 -58.48 45.00 18.84
N GLN D 47 -59.58 45.73 18.69
CA GLN D 47 -60.09 46.04 17.36
C GLN D 47 -60.85 44.87 16.79
N ILE D 48 -61.05 43.85 17.60
CA ILE D 48 -61.86 42.71 17.22
C ILE D 48 -62.28 42.01 18.49
N SER D 49 -63.29 41.16 18.42
CA SER D 49 -63.69 40.44 19.63
C SER D 49 -63.36 38.96 19.48
N PRO D 50 -63.10 38.27 20.60
CA PRO D 50 -62.74 36.84 20.59
C PRO D 50 -63.72 35.98 19.81
N ALA D 51 -64.99 36.38 19.80
CA ALA D 51 -66.02 35.67 19.03
C ALA D 51 -65.96 36.02 17.56
N ALA D 52 -65.60 37.27 17.26
CA ALA D 52 -65.57 37.76 15.88
C ALA D 52 -64.37 37.23 15.11
N ILE D 53 -63.21 37.15 15.76
CA ILE D 53 -61.98 36.75 15.09
C ILE D 53 -62.04 35.31 14.55
N ALA D 54 -62.82 34.47 15.20
CA ALA D 54 -62.94 33.07 14.80
C ALA D 54 -64.07 32.87 13.78
N SER D 55 -64.76 33.96 13.44
CA SER D 55 -65.92 33.86 12.57
C SER D 55 -65.96 34.95 11.51
N ASN D 56 -64.80 35.24 10.93
CA ASN D 56 -64.70 36.23 9.88
C ASN D 56 -63.70 35.77 8.81
N CYS D 57 -63.71 36.43 7.66
CA CYS D 57 -62.80 36.09 6.56
C CYS D 57 -61.73 37.15 6.33
N TYR D 58 -60.51 36.69 6.09
CA TYR D 58 -59.35 37.56 5.98
C TYR D 58 -58.50 37.20 4.76
N SER D 59 -57.73 38.18 4.32
CA SER D 59 -56.75 37.99 3.27
C SER D 59 -55.65 37.04 3.71
N SER D 60 -55.20 37.23 4.96
CA SER D 60 -54.19 36.38 5.55
C SER D 60 -54.39 36.30 7.05
N LEU D 61 -53.96 35.21 7.65
CA LEU D 61 -54.04 35.02 9.08
C LEU D 61 -52.64 34.79 9.60
N ILE D 62 -52.23 35.51 10.63
CA ILE D 62 -50.88 35.37 11.16
C ILE D 62 -50.88 34.90 12.61
N LEU D 63 -50.12 33.85 12.88
CA LEU D 63 -50.06 33.28 14.22
C LEU D 63 -48.63 33.19 14.74
N ASP D 64 -48.40 33.85 15.87
CA ASP D 64 -47.10 33.80 16.53
C ASP D 64 -47.22 32.94 17.78
N TYR D 65 -46.33 31.97 17.95
CA TYR D 65 -46.31 31.24 19.22
C TYR D 65 -44.91 31.22 19.81
N PHE D 66 -44.85 31.25 21.14
CA PHE D 66 -43.59 31.32 21.86
C PHE D 66 -43.78 30.91 23.32
N SER D 67 -42.69 30.63 24.00
CA SER D 67 -42.75 30.30 25.42
C SER D 67 -42.82 31.58 26.24
N TYR D 68 -43.87 31.72 27.03
CA TYR D 68 -44.02 32.89 27.89
C TYR D 68 -44.61 32.55 29.25
N PRO D 69 -43.99 33.03 30.32
CA PRO D 69 -44.46 32.75 31.68
C PRO D 69 -45.58 33.70 32.10
N LEU D 70 -46.63 33.14 32.72
CA LEU D 70 -47.80 33.91 33.15
C LEU D 70 -47.44 35.01 34.14
N SER D 71 -46.42 34.75 34.96
CA SER D 71 -45.92 35.72 35.93
C SER D 71 -45.65 37.08 35.29
N MET D 72 -45.28 37.06 34.01
CA MET D 72 -44.89 38.29 33.32
C MET D 72 -46.00 38.84 32.43
N LYS D 73 -47.22 38.36 32.64
CA LYS D 73 -48.37 38.70 31.80
C LYS D 73 -48.67 40.20 31.73
N SER D 74 -48.40 40.88 32.82
CA SER D 74 -48.64 42.30 32.89
C SER D 74 -47.78 43.02 31.90
N ASP D 75 -46.50 42.66 31.90
CA ASP D 75 -45.48 43.32 31.09
C ASP D 75 -45.76 43.19 29.60
N LEU D 76 -46.30 42.04 29.23
CA LEU D 76 -46.43 41.67 27.83
C LEU D 76 -47.30 42.61 27.00
N SER D 77 -48.39 43.09 27.57
CA SER D 77 -49.38 43.77 26.77
C SER D 77 -49.49 45.28 26.94
N VAL D 78 -49.69 45.95 25.81
CA VAL D 78 -50.14 47.32 25.82
C VAL D 78 -49.21 48.29 26.50
N SER D 79 -49.76 48.97 27.50
CA SER D 79 -49.17 50.13 28.12
C SER D 79 -47.81 49.86 28.70
N SER D 80 -47.62 48.67 29.25
CA SER D 80 -46.46 48.45 30.09
C SER D 80 -45.22 48.82 29.30
N ALA D 81 -44.31 49.50 29.98
CA ALA D 81 -43.09 50.01 29.40
C ALA D 81 -42.03 48.95 29.62
N GLY D 82 -42.47 47.82 30.13
CA GLY D 82 -41.58 46.74 30.43
C GLY D 82 -40.95 46.34 29.12
N PRO D 83 -39.73 45.85 29.18
CA PRO D 83 -38.92 45.72 27.97
C PRO D 83 -39.67 44.85 27.02
N ILE D 84 -40.33 43.83 27.55
CA ILE D 84 -41.03 42.92 26.65
C ILE D 84 -41.65 43.63 25.44
N SER D 85 -42.44 44.66 25.69
CA SER D 85 -43.06 45.43 24.63
C SER D 85 -42.04 46.35 23.96
N GLN D 86 -41.06 46.79 24.73
CA GLN D 86 -40.02 47.67 24.23
C GLN D 86 -39.03 46.99 23.30
N PHE D 87 -38.57 45.80 23.65
CA PHE D 87 -37.45 45.18 22.95
C PHE D 87 -37.71 43.78 22.41
N ASN D 88 -38.83 43.17 22.78
CA ASN D 88 -39.07 41.77 22.44
C ASN D 88 -40.24 41.55 21.49
N TYR D 89 -41.44 41.92 21.92
CA TYR D 89 -42.65 41.66 21.14
C TYR D 89 -43.64 42.83 21.24
N LYS D 90 -44.01 43.38 20.09
CA LYS D 90 -45.06 44.39 20.00
C LYS D 90 -46.10 43.99 18.96
N GLN D 91 -47.37 44.09 19.32
CA GLN D 91 -48.44 43.82 18.37
C GLN D 91 -48.88 45.08 17.64
N SER D 92 -49.56 44.90 16.51
CA SER D 92 -50.06 46.01 15.71
C SER D 92 -51.18 46.79 16.40
N PHE D 93 -50.96 48.09 16.55
CA PHE D 93 -52.01 49.02 16.95
C PHE D 93 -53.05 49.20 15.85
N SER D 94 -52.57 49.31 14.62
CA SER D 94 -53.38 49.63 13.46
C SER D 94 -54.39 48.54 13.09
N ASN D 95 -54.00 47.28 13.24
CA ASN D 95 -54.84 46.17 12.83
C ASN D 95 -55.43 45.43 14.02
N PRO D 96 -56.52 44.67 13.80
CA PRO D 96 -57.05 43.90 14.93
C PRO D 96 -56.12 42.75 15.32
N THR D 97 -55.86 42.65 16.62
CA THR D 97 -54.94 41.65 17.16
C THR D 97 -55.56 40.88 18.30
N CYS D 98 -55.01 39.72 18.60
CA CYS D 98 -55.39 38.98 19.80
C CYS D 98 -54.14 38.49 20.51
N LEU D 99 -54.20 38.43 21.83
CA LEU D 99 -53.10 37.90 22.62
C LEU D 99 -53.63 36.81 23.53
N ILE D 100 -53.10 35.60 23.34
CA ILE D 100 -53.57 34.46 24.10
C ILE D 100 -52.47 33.89 25.00
N LEU D 101 -52.79 33.76 26.27
CA LEU D 101 -51.88 33.12 27.21
C LEU D 101 -52.48 31.78 27.60
N ALA D 102 -51.70 30.71 27.43
CA ALA D 102 -52.20 29.38 27.67
C ALA D 102 -51.13 28.50 28.30
N THR D 103 -51.55 27.36 28.82
CA THR D 103 -50.65 26.44 29.48
C THR D 103 -50.75 25.07 28.80
N VAL D 104 -49.61 24.41 28.62
CA VAL D 104 -49.60 23.11 27.99
C VAL D 104 -50.02 22.06 28.99
N PRO D 105 -51.14 21.37 28.72
CA PRO D 105 -51.62 20.32 29.61
C PRO D 105 -50.64 19.14 29.64
N HIS D 106 -50.73 18.32 30.67
CA HIS D 106 -49.84 17.17 30.80
C HIS D 106 -50.09 16.15 29.70
N ASN D 107 -51.31 16.10 29.19
CA ASN D 107 -51.67 15.22 28.08
C ASN D 107 -50.94 15.57 26.78
N LEU D 108 -50.47 16.80 26.67
CA LEU D 108 -49.74 17.12 25.45
C LEU D 108 -48.29 16.68 25.61
N THR D 109 -47.99 15.49 25.08
CA THR D 109 -46.64 15.02 25.01
C THR D 109 -45.86 15.85 24.06
N THR D 110 -46.45 16.14 22.92
CA THR D 110 -45.71 16.47 21.73
C THR D 110 -44.85 17.68 21.87
N ILE D 111 -45.37 18.70 22.53
CA ILE D 111 -44.61 19.90 22.77
C ILE D 111 -43.52 19.59 23.76
N THR D 112 -42.42 20.32 23.67
CA THR D 112 -41.29 20.10 24.56
C THR D 112 -40.99 21.33 25.39
N LYS D 113 -40.73 21.12 26.66
CA LYS D 113 -40.27 22.20 27.51
C LYS D 113 -38.92 22.73 27.11
N PRO D 114 -38.76 24.03 27.19
CA PRO D 114 -37.47 24.68 27.06
C PRO D 114 -36.75 24.58 28.36
N LEU D 115 -35.46 24.86 28.40
CA LEU D 115 -34.70 24.83 29.63
C LEU D 115 -35.19 25.86 30.61
N LYS D 116 -35.53 27.01 30.08
CA LYS D 116 -36.02 28.16 30.84
C LYS D 116 -36.63 29.22 29.93
N TYR D 117 -37.25 30.22 30.54
CA TYR D 117 -37.78 31.35 29.79
C TYR D 117 -36.69 32.40 29.62
N SER D 118 -36.56 32.93 28.41
CA SER D 118 -35.56 33.94 28.13
C SER D 118 -36.20 35.16 27.48
N TYR D 119 -35.66 36.34 27.77
CA TYR D 119 -36.09 37.56 27.09
C TYR D 119 -35.02 38.64 27.14
N ILE D 120 -35.13 39.60 26.23
CA ILE D 120 -34.17 40.71 26.14
C ILE D 120 -34.62 41.85 27.03
N ASN D 121 -33.83 42.18 28.06
CA ASN D 121 -34.17 43.31 28.91
C ASN D 121 -33.79 44.64 28.26
N LYS D 122 -32.71 44.65 27.49
CA LYS D 122 -32.36 45.84 26.71
C LYS D 122 -31.61 45.52 25.41
N CYS D 123 -31.89 46.30 24.37
CA CYS D 123 -31.21 46.21 23.09
C CYS D 123 -30.74 47.59 22.64
N SER D 124 -29.45 47.74 22.36
CA SER D 124 -28.91 49.04 21.94
C SER D 124 -27.81 48.92 20.89
N ARG D 125 -27.72 49.92 20.03
CA ARG D 125 -26.63 50.02 19.06
C ARG D 125 -25.69 51.13 19.47
N PHE D 126 -24.41 50.80 19.65
CA PHE D 126 -23.42 51.80 20.01
C PHE D 126 -22.66 52.29 18.79
N LEU D 127 -22.43 53.59 18.74
CA LEU D 127 -21.77 54.23 17.62
C LEU D 127 -20.27 53.91 17.64
N SER D 128 -19.62 54.32 16.57
CA SER D 128 -18.28 53.96 16.27
C SER D 128 -17.47 54.44 17.41
N ASP D 129 -17.89 55.55 17.96
CA ASP D 129 -17.24 56.09 19.13
C ASP D 129 -17.37 55.15 20.30
N ASP D 130 -18.47 54.43 20.42
CA ASP D 130 -18.57 53.44 21.45
C ASP D 130 -18.98 54.12 22.69
N ARG D 131 -19.28 55.38 22.57
CA ARG D 131 -19.90 56.11 23.64
C ARG D 131 -21.38 56.32 23.37
N THR D 132 -21.75 56.44 22.11
CA THR D 132 -23.09 56.88 21.81
C THR D 132 -23.98 55.74 21.53
N GLU D 133 -24.97 55.54 22.39
CA GLU D 133 -25.90 54.43 22.34
C GLU D 133 -27.26 54.87 21.78
N VAL D 134 -27.74 54.16 20.79
CA VAL D 134 -29.04 54.44 20.20
C VAL D 134 -29.95 53.24 20.45
N PRO D 135 -30.89 53.40 21.40
CA PRO D 135 -31.73 52.25 21.77
C PRO D 135 -32.51 51.73 20.57
N GLN D 136 -32.65 50.41 20.47
CA GLN D 136 -33.36 49.83 19.35
C GLN D 136 -34.69 49.35 19.85
N LEU D 137 -35.78 50.04 19.53
CA LEU D 137 -37.06 49.64 20.04
C LEU D 137 -37.81 48.98 18.94
N VAL D 138 -38.37 47.83 19.21
CA VAL D 138 -39.01 47.13 18.14
C VAL D 138 -40.31 47.76 17.72
N ASN D 139 -40.52 47.70 16.42
CA ASN D 139 -41.72 48.10 15.79
C ASN D 139 -42.71 47.02 15.95
N ALA D 140 -43.97 47.31 15.69
CA ALA D 140 -44.96 46.30 15.78
C ALA D 140 -44.69 45.35 14.67
N ASN D 141 -44.85 44.07 14.92
CA ASN D 141 -44.86 43.10 13.86
C ASN D 141 -43.49 42.80 13.36
N GLN D 142 -42.49 43.25 14.08
CA GLN D 142 -41.11 43.14 13.64
C GLN D 142 -40.28 42.62 14.76
N TYR D 143 -39.07 42.19 14.41
CA TYR D 143 -38.20 41.42 15.25
C TYR D 143 -37.06 42.23 15.78
N SER D 144 -36.71 42.08 17.03
CA SER D 144 -35.64 42.88 17.57
C SER D 144 -34.36 42.66 16.81
N PRO D 145 -33.60 43.71 16.62
CA PRO D 145 -32.39 43.67 15.80
C PRO D 145 -31.36 42.87 16.48
N CYS D 146 -31.58 42.63 17.75
CA CYS D 146 -30.63 41.87 18.57
C CYS D 146 -30.85 40.37 18.53
N VAL D 147 -31.85 39.92 17.79
CA VAL D 147 -32.07 38.48 17.62
C VAL D 147 -30.85 37.84 16.96
N SER D 148 -30.14 38.65 16.17
CA SER D 148 -28.93 38.21 15.48
C SER D 148 -27.74 37.99 16.42
N ILE D 149 -27.76 38.65 17.58
CA ILE D 149 -26.62 38.54 18.50
C ILE D 149 -26.97 37.79 19.80
N VAL D 150 -28.24 37.57 20.05
CA VAL D 150 -28.69 36.87 21.24
C VAL D 150 -29.05 35.42 20.96
N PRO D 151 -28.79 34.55 21.91
CA PRO D 151 -28.85 33.11 21.74
C PRO D 151 -30.22 32.52 21.72
N SER D 152 -30.29 31.26 21.35
CA SER D 152 -31.55 30.65 21.22
C SER D 152 -32.10 30.84 22.58
N THR D 153 -31.27 30.68 23.58
CA THR D 153 -31.67 30.93 24.95
C THR D 153 -30.53 31.57 25.69
N VAL D 154 -30.84 32.49 26.58
CA VAL D 154 -29.79 33.18 27.25
C VAL D 154 -29.09 32.12 28.00
N TRP D 155 -27.78 32.14 28.02
CA TRP D 155 -27.08 31.12 28.74
C TRP D 155 -27.35 31.27 30.15
N GLU D 156 -27.21 32.49 30.57
CA GLU D 156 -27.36 32.87 31.97
C GLU D 156 -27.98 34.25 32.13
N ASP D 157 -28.76 34.42 33.19
CA ASP D 157 -29.37 35.71 33.50
C ASP D 157 -28.28 36.76 33.72
N GLY D 158 -28.47 37.92 33.10
CA GLY D 158 -27.50 39.00 33.21
C GLY D 158 -26.36 38.92 32.21
N ASP D 159 -26.44 37.98 31.27
CA ASP D 159 -25.43 37.85 30.23
C ASP D 159 -25.45 39.07 29.32
N TYR D 160 -24.33 39.47 28.76
CA TYR D 160 -24.37 40.52 27.79
C TYR D 160 -23.94 39.88 26.51
N TYR D 161 -24.59 40.24 25.43
CA TYR D 161 -24.18 39.68 24.20
C TYR D 161 -23.94 40.83 23.29
N ARG D 162 -22.78 40.84 22.66
CA ARG D 162 -22.51 41.90 21.73
C ARG D 162 -21.74 41.46 20.51
N LYS D 163 -21.92 42.22 19.45
CA LYS D 163 -21.36 41.90 18.17
C LYS D 163 -20.81 43.16 17.57
N GLN D 164 -19.90 43.03 16.64
CA GLN D 164 -19.33 44.19 16.01
C GLN D 164 -19.75 44.29 14.59
N LEU D 165 -19.98 45.50 14.14
CA LEU D 165 -20.65 45.74 12.90
C LEU D 165 -19.73 46.12 11.77
N SER D 166 -19.88 45.45 10.65
CA SER D 166 -18.93 45.55 9.58
C SER D 166 -18.96 46.95 9.10
N PRO D 167 -17.84 47.46 8.68
CA PRO D 167 -17.66 48.88 8.51
C PRO D 167 -18.59 49.30 7.43
N LEU D 168 -19.09 48.33 6.71
CA LEU D 168 -20.16 48.48 5.78
C LEU D 168 -21.40 48.93 6.51
N GLU D 169 -21.58 48.47 7.73
CA GLU D 169 -22.77 48.76 8.49
C GLU D 169 -22.63 50.07 9.25
N GLY D 170 -21.51 50.76 9.10
CA GLY D 170 -21.22 51.98 9.83
C GLY D 170 -20.39 51.79 11.08
N GLY D 171 -19.93 50.56 11.31
CA GLY D 171 -19.12 50.29 12.48
C GLY D 171 -19.91 50.37 13.76
N GLY D 172 -19.21 50.43 14.89
CA GLY D 172 -19.85 50.48 16.19
C GLY D 172 -20.28 49.09 16.63
N TRP D 173 -21.12 49.02 17.64
CA TRP D 173 -21.52 47.73 18.19
C TRP D 173 -23.02 47.60 18.35
N LEU D 174 -23.50 46.36 18.29
CA LEU D 174 -24.88 46.05 18.63
C LEU D 174 -24.87 45.31 19.95
N VAL D 175 -25.47 45.90 20.97
CA VAL D 175 -25.36 45.37 22.32
C VAL D 175 -26.71 45.08 22.95
N ALA D 176 -26.86 43.87 23.48
CA ALA D 176 -28.10 43.46 24.13
C ALA D 176 -27.84 42.87 25.51
N SER D 177 -28.85 42.93 26.35
CA SER D 177 -28.77 42.32 27.68
C SER D 177 -29.96 41.39 27.88
N GLY D 178 -29.68 40.20 28.38
CA GLY D 178 -30.71 39.17 28.49
C GLY D 178 -31.08 38.83 29.93
N SER D 179 -32.32 38.37 30.10
CA SER D 179 -32.79 37.93 31.39
C SER D 179 -33.45 36.56 31.27
N THR D 180 -33.43 35.80 32.36
CA THR D 180 -34.05 34.47 32.35
C THR D 180 -35.07 34.32 33.46
N VAL D 181 -36.06 33.45 33.21
CA VAL D 181 -37.07 33.11 34.20
C VAL D 181 -37.17 31.59 34.29
N ALA D 182 -37.13 31.06 35.52
CA ALA D 182 -37.10 29.61 35.72
C ALA D 182 -38.35 28.94 35.13
N MET D 183 -38.17 27.74 34.59
CA MET D 183 -39.25 27.02 33.93
C MET D 183 -40.31 26.57 34.92
N THR D 184 -41.58 26.70 34.54
CA THR D 184 -42.69 26.26 35.37
C THR D 184 -42.93 24.75 35.20
N GLU D 185 -43.80 24.21 36.04
CA GLU D 185 -44.02 22.79 36.04
C GLU D 185 -44.56 22.41 34.69
N GLN D 186 -45.39 23.30 34.18
CA GLN D 186 -45.99 23.12 32.88
C GLN D 186 -45.58 24.26 31.97
N LEU D 187 -45.27 23.96 30.73
CA LEU D 187 -44.86 25.03 29.87
C LEU D 187 -46.01 25.97 29.63
N GLN D 188 -45.75 27.26 29.80
CA GLN D 188 -46.68 28.35 29.55
C GLN D 188 -46.27 29.06 28.27
N MET D 189 -47.24 29.35 27.40
CA MET D 189 -46.95 29.83 26.06
C MET D 189 -47.74 31.07 25.77
N GLY D 190 -47.34 31.80 24.74
CA GLY D 190 -48.09 32.95 24.30
C GLY D 190 -48.39 32.81 22.85
N PHE D 191 -49.58 33.23 22.43
CA PHE D 191 -49.99 33.17 21.03
C PHE D 191 -50.44 34.49 20.53
N GLY D 192 -49.97 34.87 19.37
CA GLY D 192 -50.30 36.18 18.87
C GLY D 192 -50.94 36.08 17.53
N ILE D 193 -52.12 36.63 17.37
CA ILE D 193 -52.86 36.45 16.14
C ILE D 193 -53.11 37.76 15.49
N THR D 194 -52.88 37.87 14.20
CA THR D 194 -53.18 39.10 13.54
C THR D 194 -53.66 38.82 12.16
N VAL D 195 -54.50 39.67 11.64
CA VAL D 195 -55.04 39.42 10.36
C VAL D 195 -54.87 40.63 9.49
N GLN D 196 -54.86 40.39 8.19
CA GLN D 196 -54.53 41.38 7.18
C GLN D 196 -55.59 41.48 6.11
N TYR D 197 -55.72 42.67 5.51
CA TYR D 197 -56.78 42.87 4.53
C TYR D 197 -56.30 43.19 3.12
N GLY D 198 -56.89 42.48 2.17
CA GLY D 198 -56.50 42.50 0.77
C GLY D 198 -57.75 42.44 -0.07
N THR D 199 -57.70 43.10 -1.23
CA THR D 199 -58.80 43.12 -2.17
C THR D 199 -59.04 41.77 -2.83
N ASP D 200 -58.00 41.23 -3.45
CA ASP D 200 -58.12 40.00 -4.24
C ASP D 200 -58.69 38.83 -3.43
N THR D 201 -57.97 38.45 -2.38
CA THR D 201 -58.34 37.27 -1.61
C THR D 201 -58.88 37.56 -0.21
N ASN D 202 -60.06 37.01 0.08
CA ASN D 202 -60.52 36.78 1.44
C ASN D 202 -60.59 35.28 1.63
N SER D 203 -59.46 34.62 1.37
CA SER D 203 -59.37 33.16 1.33
C SER D 203 -59.07 32.46 2.66
N VAL D 204 -59.09 33.20 3.77
CA VAL D 204 -58.91 32.58 5.07
C VAL D 204 -60.23 32.68 5.83
N CYS D 205 -61.04 31.66 5.74
CA CYS D 205 -62.37 31.72 6.32
C CYS D 205 -62.65 30.46 7.11
N PRO D 206 -63.57 30.53 8.05
CA PRO D 206 -63.75 29.45 9.02
C PRO D 206 -64.28 28.18 8.41
N LYS D 207 -63.75 27.03 8.83
CA LYS D 207 -64.26 25.76 8.33
C LYS D 207 -65.68 25.54 8.85
N LEU D 208 -66.57 25.00 8.02
CA LEU D 208 -67.92 24.72 8.48
C LEU D 208 -68.36 23.27 8.28
N ASP E 1 31.59 -14.37 -16.22
CA ASP E 1 30.44 -15.26 -16.14
C ASP E 1 29.54 -15.09 -17.36
N ILE E 2 28.87 -16.14 -17.74
CA ILE E 2 28.01 -16.02 -18.86
C ILE E 2 26.62 -15.78 -18.39
N GLN E 3 25.97 -14.85 -19.05
CA GLN E 3 24.67 -14.39 -18.69
C GLN E 3 23.76 -15.06 -19.62
N MET E 4 22.71 -15.66 -19.09
CA MET E 4 21.72 -16.31 -19.90
C MET E 4 20.54 -15.40 -19.92
N THR E 5 20.13 -14.94 -21.09
CA THR E 5 18.99 -14.07 -21.14
C THR E 5 17.81 -14.79 -21.74
N GLN E 6 16.72 -14.85 -21.00
CA GLN E 6 15.54 -15.49 -21.48
C GLN E 6 14.66 -14.38 -21.87
N THR E 7 14.26 -14.33 -23.12
CA THR E 7 13.69 -13.09 -23.67
C THR E 7 12.26 -12.83 -23.21
N THR E 8 11.51 -13.88 -22.93
CA THR E 8 10.17 -13.72 -22.40
C THR E 8 10.08 -14.25 -20.96
N SER E 9 9.39 -13.50 -20.10
CA SER E 9 9.25 -13.88 -18.70
C SER E 9 7.92 -14.57 -18.46
N SER E 10 6.99 -14.29 -19.36
CA SER E 10 5.71 -14.94 -19.37
C SER E 10 5.24 -15.18 -20.79
N LEU E 11 4.46 -16.22 -20.96
CA LEU E 11 3.90 -16.58 -22.24
C LEU E 11 2.53 -17.14 -22.04
N SER E 12 1.61 -16.92 -22.96
CA SER E 12 0.26 -17.44 -22.85
C SER E 12 -0.10 -18.29 -24.03
N ALA E 13 -0.72 -19.42 -23.80
CA ALA E 13 -0.96 -20.33 -24.88
C ALA E 13 -2.12 -21.19 -24.54
N SER E 14 -2.66 -21.90 -25.51
CA SER E 14 -3.83 -22.70 -25.29
C SER E 14 -3.58 -24.16 -25.52
N LEU E 15 -4.46 -25.01 -25.05
CA LEU E 15 -4.18 -26.40 -25.12
C LEU E 15 -3.94 -26.71 -26.54
N GLY E 16 -3.00 -27.60 -26.81
CA GLY E 16 -2.82 -28.09 -28.14
C GLY E 16 -1.97 -27.18 -28.96
N ASP E 17 -1.41 -26.16 -28.34
CA ASP E 17 -0.63 -25.17 -29.06
C ASP E 17 0.76 -25.68 -28.99
N ARG E 18 1.61 -25.17 -29.85
CA ARG E 18 3.03 -25.44 -29.89
C ARG E 18 3.60 -24.12 -29.52
N VAL E 19 4.44 -24.09 -28.52
CA VAL E 19 4.89 -22.85 -28.00
C VAL E 19 6.36 -22.93 -28.00
N THR E 20 7.04 -21.82 -28.16
CA THR E 20 8.48 -21.86 -28.18
C THR E 20 9.09 -20.73 -27.42
N ILE E 21 10.10 -21.10 -26.63
CA ILE E 21 10.73 -20.23 -25.66
C ILE E 21 12.16 -20.19 -25.97
N ILE E 22 12.70 -19.05 -26.34
CA ILE E 22 14.08 -19.05 -26.73
C ILE E 22 14.97 -18.60 -25.61
N CYS E 23 16.16 -19.15 -25.55
CA CYS E 23 17.10 -18.71 -24.53
C CYS E 23 18.38 -18.23 -25.19
N ARG E 24 18.92 -17.12 -24.73
CA ARG E 24 20.12 -16.60 -25.34
C ARG E 24 21.25 -16.47 -24.36
N ALA E 25 22.39 -17.08 -24.66
CA ALA E 25 23.53 -16.99 -23.80
C ALA E 25 24.18 -15.71 -24.15
N SER E 26 25.16 -15.29 -23.37
CA SER E 26 25.91 -14.09 -23.67
C SER E 26 27.13 -14.41 -24.45
N GLN E 27 27.39 -15.68 -24.65
CA GLN E 27 28.64 -16.12 -25.23
C GLN E 27 28.43 -17.41 -25.93
N ASP E 28 29.25 -17.76 -26.89
CA ASP E 28 29.02 -19.06 -27.45
C ASP E 28 29.25 -20.07 -26.36
N ILE E 29 28.32 -20.98 -26.17
CA ILE E 29 28.52 -21.99 -25.15
C ILE E 29 28.56 -23.40 -25.68
N ASN E 30 28.67 -23.52 -26.98
CA ASN E 30 28.96 -24.79 -27.61
C ASN E 30 27.96 -25.89 -27.41
N ASN E 31 26.70 -25.56 -27.28
CA ASN E 31 25.71 -26.60 -27.29
C ASN E 31 25.47 -27.23 -25.96
N TYR E 32 26.17 -26.76 -24.96
CA TYR E 32 26.04 -27.22 -23.58
C TYR E 32 24.95 -26.42 -22.86
N LEU E 33 23.72 -26.75 -23.21
CA LEU E 33 22.54 -26.08 -22.69
C LEU E 33 21.51 -27.06 -22.17
N ASN E 34 21.05 -26.83 -20.93
CA ASN E 34 20.06 -27.71 -20.35
C ASN E 34 18.79 -26.95 -20.00
N TRP E 35 17.66 -27.66 -20.02
CA TRP E 35 16.37 -27.08 -19.70
C TRP E 35 15.76 -27.76 -18.48
N TYR E 36 15.24 -27.00 -17.52
CA TYR E 36 14.64 -27.60 -16.32
C TYR E 36 13.28 -27.04 -16.16
N GLN E 37 12.42 -27.73 -15.45
CA GLN E 37 11.09 -27.21 -15.27
C GLN E 37 10.64 -27.24 -13.84
N GLN E 38 9.99 -26.19 -13.39
CA GLN E 38 9.50 -26.17 -12.04
C GLN E 38 8.01 -26.14 -12.01
N LYS E 39 7.43 -27.14 -11.41
CA LYS E 39 6.02 -27.18 -11.36
C LYS E 39 5.80 -26.15 -10.32
N PRO E 40 4.58 -25.80 -10.02
CA PRO E 40 4.36 -24.84 -8.97
C PRO E 40 4.83 -25.36 -7.64
N ASP E 41 4.59 -26.63 -7.35
CA ASP E 41 4.90 -27.17 -6.03
C ASP E 41 6.40 -27.13 -5.74
N GLY E 42 7.12 -26.62 -6.72
CA GLY E 42 8.55 -26.42 -6.67
C GLY E 42 9.37 -27.56 -7.19
N THR E 43 8.74 -28.69 -7.48
CA THR E 43 9.50 -29.83 -7.93
C THR E 43 10.13 -29.61 -9.27
N VAL E 44 11.45 -29.70 -9.39
CA VAL E 44 12.13 -29.47 -10.66
C VAL E 44 12.51 -30.72 -11.41
N LYS E 45 12.74 -30.60 -12.71
CA LYS E 45 13.00 -31.74 -13.57
C LYS E 45 13.80 -31.32 -14.76
N LEU E 46 14.56 -32.21 -15.36
CA LEU E 46 15.37 -31.77 -16.46
C LEU E 46 14.69 -32.13 -17.74
N LEU E 47 14.24 -31.14 -18.46
CA LEU E 47 13.59 -31.38 -19.72
C LEU E 47 14.45 -31.91 -20.83
N ILE E 48 15.60 -31.32 -20.97
CA ILE E 48 16.49 -31.46 -22.11
C ILE E 48 17.91 -31.14 -21.67
N TYR E 49 18.85 -31.97 -22.10
CA TYR E 49 20.27 -31.74 -21.83
C TYR E 49 20.98 -31.69 -23.17
N TYR E 50 22.10 -30.96 -23.22
CA TYR E 50 22.86 -30.79 -24.45
C TYR E 50 21.99 -30.40 -25.64
N THR E 51 21.28 -29.28 -25.51
CA THR E 51 20.53 -28.66 -26.61
C THR E 51 19.29 -29.42 -27.04
N SER E 52 19.45 -30.67 -27.46
CA SER E 52 18.35 -31.39 -28.10
C SER E 52 18.03 -32.74 -27.48
N ARG E 53 18.81 -33.16 -26.50
CA ARG E 53 18.69 -34.51 -25.97
C ARG E 53 17.60 -34.62 -24.90
N LEU E 54 16.78 -35.67 -25.03
CA LEU E 54 15.61 -35.84 -24.19
C LEU E 54 15.92 -36.70 -22.96
N HIS E 55 15.66 -36.17 -21.78
CA HIS E 55 15.91 -36.92 -20.55
C HIS E 55 14.90 -38.06 -20.41
N SER E 56 15.35 -39.18 -19.85
CA SER E 56 14.50 -40.36 -19.73
C SER E 56 13.34 -40.08 -18.79
N GLY E 57 12.14 -40.46 -19.22
CA GLY E 57 10.94 -40.22 -18.42
C GLY E 57 10.22 -38.94 -18.80
N VAL E 58 10.79 -38.20 -19.75
CA VAL E 58 10.24 -36.92 -20.20
C VAL E 58 9.64 -37.02 -21.57
N PRO E 59 8.44 -36.47 -21.73
CA PRO E 59 7.59 -36.64 -22.90
C PRO E 59 8.08 -36.04 -24.20
N SER E 60 7.66 -36.65 -25.30
CA SER E 60 8.14 -36.34 -26.62
C SER E 60 7.71 -35.00 -27.11
N ARG E 61 6.72 -34.40 -26.47
CA ARG E 61 6.26 -33.11 -26.88
C ARG E 61 7.39 -32.17 -26.69
N PHE E 62 8.22 -32.46 -25.72
CA PHE E 62 9.35 -31.62 -25.43
C PHE E 62 10.50 -31.84 -26.36
N SER E 63 10.97 -30.77 -26.92
CA SER E 63 12.07 -30.86 -27.87
C SER E 63 12.97 -29.65 -27.77
N GLY E 64 14.21 -29.79 -28.23
CA GLY E 64 15.17 -28.73 -28.14
C GLY E 64 15.90 -28.50 -29.45
N SER E 65 16.25 -27.26 -29.70
CA SER E 65 16.99 -26.90 -30.91
C SER E 65 17.83 -25.66 -30.65
N GLY E 66 18.99 -25.58 -31.30
CA GLY E 66 19.82 -24.40 -31.19
C GLY E 66 21.29 -24.68 -31.39
N SER E 67 22.08 -23.59 -31.47
CA SER E 67 23.53 -23.68 -31.56
C SER E 67 24.14 -22.30 -31.29
N GLY E 68 25.44 -22.28 -30.97
CA GLY E 68 26.11 -21.03 -30.65
C GLY E 68 25.61 -20.40 -29.36
N SER E 69 24.88 -19.30 -29.49
CA SER E 69 24.33 -18.61 -28.33
C SER E 69 22.81 -18.45 -28.39
N ASP E 70 22.18 -19.02 -29.41
CA ASP E 70 20.73 -18.96 -29.54
C ASP E 70 20.13 -20.35 -29.42
N TYR E 71 19.33 -20.58 -28.41
CA TYR E 71 18.79 -21.90 -28.22
C TYR E 71 17.34 -21.78 -27.95
N SER E 72 16.61 -22.86 -28.14
CA SER E 72 15.18 -22.83 -28.03
C SER E 72 14.63 -24.07 -27.38
N LEU E 73 13.50 -23.95 -26.71
CA LEU E 73 12.78 -25.10 -26.21
C LEU E 73 11.38 -25.04 -26.70
N THR E 74 10.87 -26.13 -27.23
CA THR E 74 9.56 -26.13 -27.80
C THR E 74 8.75 -27.13 -27.09
N ILE E 75 7.53 -26.79 -26.71
CA ILE E 75 6.62 -27.76 -26.16
C ILE E 75 5.39 -27.88 -27.02
N SER E 76 5.00 -29.08 -27.41
CA SER E 76 3.96 -29.28 -28.41
C SER E 76 2.65 -29.84 -27.89
N ASN E 77 1.55 -29.50 -28.52
CA ASN E 77 0.34 -30.05 -28.04
C ASN E 77 0.36 -29.89 -26.56
N LEU E 78 0.28 -28.65 -26.11
CA LEU E 78 0.35 -28.28 -24.73
C LEU E 78 -0.74 -28.96 -23.94
N GLU E 79 -0.42 -29.31 -22.72
CA GLU E 79 -1.28 -30.05 -21.83
C GLU E 79 -1.33 -29.23 -20.60
N GLN E 80 -2.30 -29.43 -19.73
CA GLN E 80 -2.21 -28.80 -18.43
C GLN E 80 -1.05 -29.24 -17.53
N GLU E 81 -0.72 -30.52 -17.39
CA GLU E 81 0.40 -30.76 -16.49
C GLU E 81 1.62 -29.91 -16.85
N ASP E 82 1.48 -29.18 -17.96
CA ASP E 82 2.52 -28.33 -18.53
C ASP E 82 2.97 -27.16 -17.66
N ILE E 83 2.00 -26.48 -17.06
CA ILE E 83 2.24 -25.16 -16.56
C ILE E 83 3.35 -25.21 -15.56
N ALA E 84 4.27 -24.26 -15.68
CA ALA E 84 5.39 -24.16 -14.78
C ALA E 84 6.37 -23.20 -15.37
N THR E 85 7.44 -22.94 -14.64
CA THR E 85 8.49 -22.07 -15.11
C THR E 85 9.63 -22.87 -15.69
N TYR E 86 10.04 -22.53 -16.90
CA TYR E 86 11.08 -23.27 -17.58
C TYR E 86 12.36 -22.48 -17.59
N PHE E 87 13.44 -23.10 -17.14
CA PHE E 87 14.69 -22.39 -17.04
C PHE E 87 15.65 -23.03 -17.98
N CYS E 88 16.53 -22.22 -18.52
CA CYS E 88 17.67 -22.70 -19.29
C CYS E 88 18.94 -22.62 -18.45
N GLN E 89 19.93 -23.45 -18.71
CA GLN E 89 21.16 -23.40 -17.96
C GLN E 89 22.28 -23.62 -18.92
N GLN E 90 23.48 -23.26 -18.53
CA GLN E 90 24.60 -23.37 -19.41
C GLN E 90 25.68 -24.17 -18.75
N ALA E 91 26.36 -25.02 -19.49
CA ALA E 91 27.33 -25.87 -18.86
C ALA E 91 28.68 -25.76 -19.50
N ASN E 92 28.89 -24.76 -20.31
CA ASN E 92 30.16 -24.71 -20.96
C ASN E 92 31.22 -24.58 -19.93
N THR E 93 31.26 -23.43 -19.26
CA THR E 93 32.30 -23.18 -18.32
C THR E 93 31.74 -23.04 -16.96
N LEU E 94 32.56 -22.47 -16.10
CA LEU E 94 32.25 -22.32 -14.71
C LEU E 94 32.20 -20.86 -14.46
N PRO E 95 31.14 -20.43 -13.83
CA PRO E 95 30.22 -21.30 -13.15
C PRO E 95 28.97 -21.48 -13.94
N PRO E 96 28.24 -22.54 -13.66
CA PRO E 96 27.04 -22.83 -14.35
C PRO E 96 26.14 -21.70 -14.03
N THR E 97 25.49 -21.11 -15.01
CA THR E 97 24.65 -19.98 -14.78
C THR E 97 23.34 -20.21 -15.41
N PHE E 98 22.26 -20.02 -14.68
CA PHE E 98 20.91 -20.11 -15.22
C PHE E 98 20.31 -18.87 -15.78
N GLY E 99 19.24 -19.10 -16.51
CA GLY E 99 18.37 -18.08 -16.99
C GLY E 99 17.41 -17.75 -15.90
N ALA E 100 16.63 -16.71 -16.06
CA ALA E 100 15.75 -16.28 -15.02
C ALA E 100 14.42 -16.95 -15.01
N GLY E 101 14.16 -17.68 -16.07
CA GLY E 101 12.97 -18.50 -16.21
C GLY E 101 11.85 -17.89 -17.02
N THR E 102 11.01 -18.75 -17.59
CA THR E 102 9.81 -18.32 -18.28
C THR E 102 8.59 -19.03 -17.72
N LYS E 103 7.59 -18.25 -17.29
CA LYS E 103 6.37 -18.82 -16.72
C LYS E 103 5.38 -19.12 -17.84
N LEU E 104 4.76 -20.27 -17.80
CA LEU E 104 3.83 -20.59 -18.83
C LEU E 104 2.44 -20.53 -18.30
N GLU E 105 1.51 -20.08 -19.11
CA GLU E 105 0.16 -19.89 -18.68
C GLU E 105 -0.70 -20.66 -19.61
N LEU E 106 -1.92 -20.97 -19.23
CA LEU E 106 -2.80 -21.60 -20.18
C LEU E 106 -4.00 -20.74 -20.25
N ARG E 107 -4.51 -20.52 -21.44
CA ARG E 107 -5.64 -19.66 -21.59
C ARG E 107 -6.87 -20.42 -21.30
N ARG E 108 -7.89 -19.71 -20.88
CA ARG E 108 -9.17 -20.28 -20.59
C ARG E 108 -10.20 -19.19 -20.72
N ALA E 109 -11.46 -19.56 -20.69
CA ALA E 109 -12.50 -18.59 -20.85
C ALA E 109 -12.50 -17.71 -19.66
N ASP E 110 -12.81 -16.43 -19.84
CA ASP E 110 -12.70 -15.48 -18.78
C ASP E 110 -13.62 -15.87 -17.68
N ALA E 111 -13.22 -15.64 -16.44
CA ALA E 111 -14.03 -15.98 -15.29
C ALA E 111 -14.09 -14.86 -14.28
N ALA E 112 -15.19 -14.78 -13.56
CA ALA E 112 -15.39 -13.76 -12.53
C ALA E 112 -14.93 -14.28 -11.17
N PRO E 113 -14.31 -13.41 -10.37
CA PRO E 113 -13.83 -13.81 -9.04
C PRO E 113 -14.97 -14.04 -8.05
N THR E 114 -14.83 -15.06 -7.22
CA THR E 114 -15.78 -15.28 -6.13
C THR E 114 -15.26 -14.57 -4.89
N VAL E 115 -15.94 -13.50 -4.50
CA VAL E 115 -15.45 -12.63 -3.45
C VAL E 115 -16.12 -12.89 -2.11
N SER E 116 -15.30 -13.06 -1.07
CA SER E 116 -15.81 -13.30 0.28
C SER E 116 -15.06 -12.41 1.26
N ILE E 117 -15.82 -11.71 2.11
CA ILE E 117 -15.22 -10.82 3.10
C ILE E 117 -15.47 -11.32 4.52
N PHE E 118 -14.47 -11.17 5.39
CA PHE E 118 -14.53 -11.73 6.74
C PHE E 118 -14.19 -10.72 7.83
N PRO E 119 -15.12 -10.53 8.78
CA PRO E 119 -14.85 -9.70 9.97
C PRO E 119 -13.78 -10.34 10.84
N PRO E 120 -13.14 -9.56 11.73
CA PRO E 120 -12.13 -10.14 12.63
C PRO E 120 -12.70 -11.22 13.54
N SER E 121 -11.91 -12.24 13.82
CA SER E 121 -12.33 -13.27 14.75
C SER E 121 -12.32 -12.68 16.16
N SER E 122 -13.26 -13.13 16.99
CA SER E 122 -13.35 -12.65 18.37
C SER E 122 -12.07 -12.98 19.15
N GLU E 123 -11.45 -14.10 18.81
CA GLU E 123 -10.20 -14.52 19.45
C GLU E 123 -9.09 -13.48 19.23
N GLN E 124 -9.02 -12.95 18.02
CA GLN E 124 -8.03 -11.93 17.70
C GLN E 124 -8.37 -10.63 18.41
N LEU E 125 -9.66 -10.29 18.40
CA LEU E 125 -10.16 -9.11 19.08
C LEU E 125 -9.80 -9.16 20.57
N THR E 126 -9.91 -10.35 21.14
CA THR E 126 -9.49 -10.61 22.52
C THR E 126 -8.02 -10.24 22.71
N SER E 127 -7.20 -10.53 21.70
CA SER E 127 -5.78 -10.22 21.76
C SER E 127 -5.48 -8.78 21.32
N GLY E 128 -6.52 -8.01 20.99
CA GLY E 128 -6.37 -6.59 20.75
C GLY E 128 -6.13 -6.20 19.31
N GLY E 129 -6.18 -7.17 18.40
CA GLY E 129 -5.99 -6.90 16.98
C GLY E 129 -7.29 -7.03 16.20
N ALA E 130 -7.28 -6.53 14.96
CA ALA E 130 -8.45 -6.63 14.09
C ALA E 130 -8.08 -6.65 12.62
N SER E 131 -8.06 -7.82 12.01
CA SER E 131 -7.79 -7.86 10.60
C SER E 131 -9.00 -8.29 9.83
N VAL E 132 -9.44 -7.46 8.90
CA VAL E 132 -10.53 -7.78 8.01
C VAL E 132 -9.93 -8.45 6.82
N VAL E 133 -10.55 -9.48 6.26
CA VAL E 133 -9.89 -10.22 5.21
C VAL E 133 -10.78 -10.40 4.02
N CYS E 134 -10.20 -10.55 2.85
CA CYS E 134 -11.03 -10.64 1.65
C CYS E 134 -10.44 -11.65 0.68
N PHE E 135 -11.24 -12.55 0.16
CA PHE E 135 -10.74 -13.50 -0.80
C PHE E 135 -11.39 -13.25 -2.12
N LEU E 136 -10.62 -13.09 -3.19
CA LEU E 136 -11.21 -13.08 -4.48
C LEU E 136 -10.67 -14.33 -5.04
N ASN E 137 -11.52 -15.16 -5.62
CA ASN E 137 -11.12 -16.49 -5.98
C ASN E 137 -11.56 -16.96 -7.34
N ASN E 138 -10.76 -17.80 -7.95
CA ASN E 138 -11.11 -18.42 -9.20
C ASN E 138 -11.55 -17.52 -10.32
N PHE E 139 -10.72 -16.55 -10.66
CA PHE E 139 -10.97 -15.65 -11.75
C PHE E 139 -9.91 -15.80 -12.81
N TYR E 140 -10.24 -15.44 -14.03
CA TYR E 140 -9.28 -15.34 -15.11
C TYR E 140 -9.73 -14.21 -16.04
N PRO E 141 -8.85 -13.41 -16.62
CA PRO E 141 -7.40 -13.51 -16.46
C PRO E 141 -6.89 -13.00 -15.12
N LYS E 142 -5.59 -13.16 -14.87
CA LYS E 142 -5.00 -12.87 -13.57
C LYS E 142 -5.05 -11.38 -13.20
N ASP E 143 -5.23 -10.52 -14.18
CA ASP E 143 -5.24 -9.08 -13.94
C ASP E 143 -6.46 -8.67 -13.13
N ILE E 144 -6.21 -8.13 -11.93
CA ILE E 144 -7.31 -7.77 -11.02
C ILE E 144 -6.89 -6.61 -10.11
N ASN E 145 -7.85 -5.78 -9.73
CA ASN E 145 -7.61 -4.69 -8.80
C ASN E 145 -8.56 -4.74 -7.60
N VAL E 146 -8.00 -4.71 -6.40
CA VAL E 146 -8.79 -4.73 -5.18
C VAL E 146 -8.75 -3.39 -4.45
N LYS E 147 -9.92 -2.89 -4.10
CA LYS E 147 -10.02 -1.62 -3.38
C LYS E 147 -10.75 -1.81 -2.05
N TRP E 148 -10.14 -1.35 -0.97
CA TRP E 148 -10.77 -1.43 0.35
C TRP E 148 -11.44 -0.10 0.68
N LYS E 149 -12.62 -0.17 1.28
CA LYS E 149 -13.31 1.03 1.73
C LYS E 149 -13.83 0.89 3.16
N ILE E 150 -13.51 1.87 4.00
CA ILE E 150 -14.02 1.89 5.36
C ILE E 150 -14.96 3.09 5.53
N ASP E 151 -16.25 2.80 5.71
CA ASP E 151 -17.28 3.82 5.76
C ASP E 151 -17.19 4.76 4.56
N GLY E 152 -17.03 4.17 3.38
CA GLY E 152 -16.99 4.92 2.13
C GLY E 152 -15.63 5.48 1.72
N SER E 153 -14.65 5.46 2.60
CA SER E 153 -13.36 6.08 2.27
C SER E 153 -12.28 5.05 1.97
N GLU E 154 -11.58 5.23 0.87
CA GLU E 154 -10.60 4.25 0.39
C GLU E 154 -9.43 4.15 1.33
N ARG E 155 -8.95 2.93 1.57
CA ARG E 155 -7.83 2.73 2.47
C ARG E 155 -6.64 2.11 1.78
N GLN E 156 -5.46 2.64 1.99
CA GLN E 156 -4.34 2.15 1.26
C GLN E 156 -3.31 1.49 2.13
N ASN E 157 -3.40 1.75 3.41
CA ASN E 157 -2.34 1.41 4.29
C ASN E 157 -2.73 0.29 5.18
N GLY E 158 -1.81 -0.64 5.41
CA GLY E 158 -2.10 -1.79 6.22
C GLY E 158 -2.65 -2.98 5.48
N VAL E 159 -2.61 -2.96 4.17
CA VAL E 159 -3.09 -4.08 3.40
C VAL E 159 -1.98 -4.90 2.86
N LEU E 160 -2.07 -6.19 3.07
CA LEU E 160 -1.09 -7.16 2.61
C LEU E 160 -1.81 -8.03 1.64
N ASN E 161 -1.27 -8.21 0.45
CA ASN E 161 -1.88 -9.03 -0.59
C ASN E 161 -1.05 -10.28 -0.93
N SER E 162 -1.73 -11.35 -1.28
CA SER E 162 -1.04 -12.54 -1.72
C SER E 162 -1.80 -13.19 -2.86
N TRP E 163 -1.05 -13.88 -3.72
CA TRP E 163 -1.56 -14.28 -4.99
C TRP E 163 -1.18 -15.67 -5.24
N THR E 164 -1.97 -16.35 -6.05
CA THR E 164 -1.70 -17.74 -6.34
C THR E 164 -1.20 -17.85 -7.74
N ASP E 165 -0.54 -18.95 -8.01
CA ASP E 165 -0.14 -19.31 -9.33
C ASP E 165 -1.36 -19.91 -9.94
N GLN E 166 -1.34 -20.17 -11.23
CA GLN E 166 -2.50 -20.69 -11.93
C GLN E 166 -2.86 -22.09 -11.44
N ASP E 167 -4.12 -22.28 -11.06
CA ASP E 167 -4.55 -23.56 -10.51
C ASP E 167 -4.48 -24.61 -11.61
N SER E 168 -3.83 -25.73 -11.32
CA SER E 168 -3.58 -26.75 -12.32
C SER E 168 -4.82 -27.55 -12.71
N LYS E 169 -5.89 -27.40 -11.93
CA LYS E 169 -7.13 -28.13 -12.23
C LYS E 169 -8.11 -27.34 -13.08
N ASP E 170 -8.27 -26.04 -12.80
CA ASP E 170 -9.24 -25.24 -13.55
C ASP E 170 -8.65 -23.99 -14.20
N SER E 171 -7.33 -23.87 -14.16
CA SER E 171 -6.61 -22.79 -14.85
C SER E 171 -6.96 -21.40 -14.36
N THR E 172 -7.48 -21.28 -13.14
CA THR E 172 -7.87 -19.98 -12.60
C THR E 172 -6.85 -19.42 -11.62
N TYR E 173 -7.05 -18.16 -11.23
CA TYR E 173 -6.22 -17.51 -10.23
C TYR E 173 -7.07 -17.13 -9.02
N SER E 174 -6.42 -17.01 -7.87
CA SER E 174 -7.08 -16.53 -6.66
C SER E 174 -6.15 -15.61 -5.89
N MET E 175 -6.71 -14.69 -5.12
CA MET E 175 -5.88 -13.80 -4.32
C MET E 175 -6.46 -13.49 -2.94
N SER E 176 -5.58 -13.16 -2.01
CA SER E 176 -5.96 -12.88 -0.63
C SER E 176 -5.60 -11.44 -0.26
N SER E 177 -6.56 -10.71 0.33
CA SER E 177 -6.32 -9.34 0.76
C SER E 177 -6.67 -9.15 2.23
N THR E 178 -5.71 -8.78 3.03
CA THR E 178 -5.98 -8.62 4.43
C THR E 178 -5.76 -7.20 4.86
N LEU E 179 -6.74 -6.59 5.47
CA LEU E 179 -6.59 -5.24 5.93
C LEU E 179 -6.58 -5.28 7.43
N THR E 180 -5.55 -4.72 8.06
CA THR E 180 -5.36 -4.87 9.47
C THR E 180 -5.28 -3.59 10.28
N LEU E 181 -6.07 -3.53 11.33
CA LEU E 181 -6.13 -2.38 12.21
C LEU E 181 -6.15 -2.81 13.64
N THR E 182 -5.79 -1.89 14.52
CA THR E 182 -5.81 -2.12 15.94
C THR E 182 -7.25 -2.16 16.31
N LYS E 183 -7.58 -2.70 17.46
CA LYS E 183 -8.98 -2.91 17.70
C LYS E 183 -9.69 -1.62 17.64
N ASP E 184 -9.14 -0.61 18.28
CA ASP E 184 -9.80 0.68 18.36
C ASP E 184 -9.95 1.36 17.04
N GLU E 185 -8.96 1.22 16.20
CA GLU E 185 -9.08 1.84 14.93
C GLU E 185 -10.28 1.18 14.38
N TYR E 186 -10.38 -0.11 14.62
CA TYR E 186 -11.44 -0.88 14.03
C TYR E 186 -12.80 -0.46 14.49
N GLU E 187 -12.92 -0.14 15.75
CA GLU E 187 -14.21 0.01 16.40
C GLU E 187 -14.76 1.39 16.19
N ARG E 188 -13.97 2.19 15.50
CA ARG E 188 -14.33 3.50 15.02
C ARG E 188 -15.45 3.49 14.00
N HIS E 189 -15.49 2.51 13.09
CA HIS E 189 -16.55 2.63 12.10
C HIS E 189 -17.24 1.37 11.68
N ASN E 190 -18.51 1.52 11.32
CA ASN E 190 -19.34 0.44 10.84
C ASN E 190 -19.14 -0.21 9.48
N SER E 191 -18.90 0.56 8.43
CA SER E 191 -19.02 -0.07 7.12
C SER E 191 -17.76 -0.37 6.36
N TYR E 192 -17.41 -1.64 6.28
CA TYR E 192 -16.21 -2.06 5.55
C TYR E 192 -16.48 -2.73 4.22
N THR E 193 -15.81 -2.30 3.16
CA THR E 193 -16.08 -2.83 1.86
C THR E 193 -14.85 -3.26 1.08
N CYS E 194 -14.94 -4.39 0.35
CA CYS E 194 -13.85 -4.97 -0.45
C CYS E 194 -14.26 -4.87 -1.89
N GLU E 195 -13.51 -4.20 -2.74
CA GLU E 195 -13.99 -3.92 -4.09
C GLU E 195 -13.12 -4.48 -5.19
N ALA E 196 -13.66 -5.34 -6.06
CA ALA E 196 -12.86 -6.02 -7.08
C ALA E 196 -13.04 -5.38 -8.45
N THR E 197 -11.96 -5.04 -9.12
CA THR E 197 -12.10 -4.58 -10.48
C THR E 197 -11.51 -5.60 -11.42
N HIS E 198 -12.33 -6.13 -12.31
CA HIS E 198 -11.88 -7.15 -13.19
C HIS E 198 -12.38 -6.89 -14.56
N LYS E 199 -11.73 -7.49 -15.53
CA LYS E 199 -12.04 -7.31 -16.92
C LYS E 199 -13.41 -7.80 -17.20
N THR E 200 -13.82 -8.82 -16.49
CA THR E 200 -15.09 -9.40 -16.80
C THR E 200 -16.23 -8.42 -16.62
N SER E 201 -16.21 -7.61 -15.59
CA SER E 201 -17.34 -6.72 -15.35
C SER E 201 -16.96 -5.26 -15.37
N THR E 202 -17.87 -4.41 -15.83
CA THR E 202 -17.60 -2.99 -15.92
C THR E 202 -17.68 -2.34 -14.54
N SER E 203 -18.65 -2.80 -13.75
CA SER E 203 -18.81 -2.32 -12.38
C SER E 203 -18.10 -3.28 -11.43
N PRO E 204 -17.52 -2.76 -10.33
CA PRO E 204 -16.74 -3.60 -9.42
C PRO E 204 -17.60 -4.59 -8.63
N ILE E 205 -17.03 -5.75 -8.33
CA ILE E 205 -17.68 -6.74 -7.49
C ILE E 205 -17.49 -6.35 -6.03
N VAL E 206 -18.58 -6.19 -5.29
CA VAL E 206 -18.50 -5.63 -3.94
C VAL E 206 -18.97 -6.60 -2.85
N LYS E 207 -18.16 -6.74 -1.82
CA LYS E 207 -18.55 -7.46 -0.61
C LYS E 207 -18.36 -6.56 0.60
N SER E 208 -19.40 -6.46 1.43
CA SER E 208 -19.37 -5.55 2.56
C SER E 208 -20.11 -6.10 3.77
N PHE E 209 -19.75 -5.59 4.94
CA PHE E 209 -20.47 -5.89 6.17
C PHE E 209 -20.47 -4.69 7.11
N ASN E 210 -21.29 -4.68 8.14
CA ASN E 210 -21.16 -3.61 9.09
C ASN E 210 -20.79 -4.22 10.39
N ARG E 211 -20.36 -3.41 11.32
CA ARG E 211 -19.80 -3.97 12.51
C ARG E 211 -20.88 -4.80 13.13
N ASN E 212 -22.11 -4.30 13.10
CA ASN E 212 -23.23 -5.12 13.51
C ASN E 212 -23.00 -6.57 13.07
N GLU F 1 14.59 -45.61 -9.35
CA GLU F 1 14.07 -44.36 -8.82
C GLU F 1 15.09 -43.74 -7.91
N VAL F 2 15.88 -42.85 -8.49
CA VAL F 2 16.87 -42.12 -7.73
C VAL F 2 16.14 -41.22 -6.79
N LYS F 3 16.62 -41.12 -5.57
CA LYS F 3 15.98 -40.28 -4.55
C LYS F 3 17.00 -39.37 -3.88
N LEU F 4 16.61 -38.14 -3.54
CA LEU F 4 17.54 -37.25 -2.88
C LEU F 4 16.84 -36.48 -1.77
N VAL F 5 17.33 -36.58 -0.53
CA VAL F 5 16.62 -35.98 0.60
C VAL F 5 17.55 -35.09 1.44
N GLU F 6 17.33 -33.79 1.37
CA GLU F 6 18.11 -32.83 2.13
C GLU F 6 17.65 -32.72 3.58
N SER F 7 18.57 -32.29 4.44
CA SER F 7 18.25 -32.03 5.84
C SER F 7 19.23 -31.01 6.41
N GLY F 8 18.82 -30.37 7.50
CA GLY F 8 19.69 -29.43 8.20
C GLY F 8 19.26 -27.97 8.10
N GLY F 9 18.25 -27.71 7.27
CA GLY F 9 17.79 -26.35 7.03
C GLY F 9 17.12 -25.74 8.25
N GLY F 10 17.20 -24.42 8.36
CA GLY F 10 16.59 -23.73 9.49
C GLY F 10 16.94 -22.25 9.56
N LEU F 11 16.70 -21.59 10.68
CA LEU F 11 16.99 -20.17 10.77
C LEU F 11 18.27 -19.91 11.49
N VAL F 12 19.07 -18.96 11.04
CA VAL F 12 20.24 -18.64 11.80
C VAL F 12 20.74 -17.23 11.60
N LYS F 13 21.33 -16.64 12.62
CA LYS F 13 21.68 -15.26 12.56
C LYS F 13 22.82 -15.11 11.63
N PRO F 14 22.98 -13.93 11.06
CA PRO F 14 23.99 -13.67 10.07
C PRO F 14 25.34 -13.66 10.70
N GLY F 15 26.36 -14.04 9.95
CA GLY F 15 27.70 -14.27 10.45
C GLY F 15 27.80 -15.67 11.01
N GLY F 16 26.67 -16.34 11.09
CA GLY F 16 26.53 -17.68 11.64
C GLY F 16 26.87 -18.79 10.68
N SER F 17 26.77 -20.04 11.12
CA SER F 17 27.08 -21.17 10.30
C SER F 17 26.00 -22.22 10.35
N LEU F 18 25.85 -22.98 9.27
CA LEU F 18 24.90 -24.09 9.21
C LEU F 18 25.54 -25.20 8.44
N LYS F 19 25.10 -26.43 8.68
CA LYS F 19 25.58 -27.60 7.97
C LYS F 19 24.46 -28.40 7.34
N LEU F 20 24.57 -28.66 6.05
CA LEU F 20 23.47 -29.19 5.27
C LEU F 20 23.75 -30.58 4.79
N SER F 21 22.77 -31.46 4.82
CA SER F 21 23.04 -32.82 4.39
C SER F 21 22.04 -33.40 3.41
N CYS F 22 22.49 -34.38 2.64
CA CYS F 22 21.62 -34.94 1.61
C CYS F 22 21.78 -36.44 1.49
N ALA F 23 20.68 -37.18 1.59
CA ALA F 23 20.69 -38.61 1.45
C ALA F 23 20.27 -39.11 0.07
N ALA F 24 21.13 -39.89 -0.56
CA ALA F 24 20.94 -40.30 -1.92
C ALA F 24 20.79 -41.78 -2.02
N SER F 25 19.88 -42.23 -2.87
CA SER F 25 19.54 -43.62 -3.00
C SER F 25 19.18 -43.93 -4.43
N GLY F 26 19.22 -45.19 -4.81
CA GLY F 26 18.82 -45.57 -6.15
C GLY F 26 19.88 -45.48 -7.20
N PHE F 27 21.10 -45.18 -6.82
CA PHE F 27 22.14 -45.09 -7.81
C PHE F 27 23.55 -45.26 -7.29
N THR F 28 24.49 -45.26 -8.21
CA THR F 28 25.88 -45.42 -7.89
C THR F 28 26.47 -44.08 -7.53
N PHE F 29 26.32 -43.75 -6.27
CA PHE F 29 26.58 -42.43 -5.79
C PHE F 29 28.01 -42.09 -6.04
N SER F 30 28.89 -43.07 -5.88
CA SER F 30 30.32 -42.85 -5.95
C SER F 30 30.67 -42.38 -7.33
N SER F 31 29.84 -42.80 -8.25
CA SER F 31 30.03 -42.73 -9.69
C SER F 31 29.59 -41.40 -10.31
N TYR F 32 28.99 -40.53 -9.53
CA TYR F 32 28.60 -39.24 -10.08
C TYR F 32 29.04 -38.06 -9.25
N ALA F 33 29.25 -36.94 -9.90
CA ALA F 33 29.47 -35.67 -9.23
C ALA F 33 28.15 -35.22 -8.65
N MET F 34 28.14 -34.40 -7.62
CA MET F 34 26.89 -33.89 -7.14
C MET F 34 27.06 -32.45 -6.85
N SER F 35 26.00 -31.67 -6.88
CA SER F 35 26.11 -30.24 -6.71
C SER F 35 24.97 -29.72 -5.88
N TRP F 36 25.11 -28.51 -5.38
CA TRP F 36 24.03 -27.87 -4.68
C TRP F 36 23.61 -26.68 -5.45
N VAL F 37 22.31 -26.50 -5.58
CA VAL F 37 21.80 -25.32 -6.21
C VAL F 37 20.69 -24.78 -5.36
N ARG F 38 20.63 -23.46 -5.20
CA ARG F 38 19.67 -22.83 -4.31
C ARG F 38 18.91 -21.79 -5.04
N GLN F 39 17.64 -21.64 -4.76
CA GLN F 39 16.88 -20.63 -5.44
C GLN F 39 16.21 -19.64 -4.50
N THR F 40 16.47 -18.37 -4.68
CA THR F 40 16.03 -17.30 -3.83
C THR F 40 14.55 -16.98 -3.87
N PRO F 41 13.95 -16.64 -2.73
CA PRO F 41 12.49 -16.51 -2.66
C PRO F 41 11.88 -15.89 -3.91
N GLU F 42 12.75 -15.27 -4.69
CA GLU F 42 12.40 -14.58 -5.89
C GLU F 42 12.44 -15.55 -7.03
N LYS F 43 12.67 -16.82 -6.70
CA LYS F 43 12.66 -17.88 -7.69
C LYS F 43 13.74 -17.77 -8.74
N ARG F 44 14.95 -17.44 -8.35
CA ARG F 44 16.08 -17.38 -9.26
C ARG F 44 17.13 -18.37 -8.86
N LEU F 45 17.74 -19.03 -9.81
CA LEU F 45 18.60 -20.15 -9.52
C LEU F 45 20.05 -19.74 -9.56
N GLU F 46 20.76 -20.12 -8.53
CA GLU F 46 22.17 -19.87 -8.41
C GLU F 46 22.82 -21.15 -7.98
N TRP F 47 24.01 -21.39 -8.48
CA TRP F 47 24.70 -22.62 -8.28
C TRP F 47 25.61 -22.45 -7.14
N VAL F 48 25.67 -23.42 -6.26
CA VAL F 48 26.41 -23.16 -5.03
C VAL F 48 27.76 -23.87 -4.98
N ALA F 49 27.78 -25.14 -5.37
CA ALA F 49 29.01 -25.93 -5.31
C ALA F 49 28.88 -27.25 -6.07
N THR F 50 29.99 -27.72 -6.62
CA THR F 50 30.03 -29.02 -7.27
C THR F 50 31.23 -29.80 -6.76
N ILE F 51 31.03 -31.08 -6.46
CA ILE F 51 32.13 -31.92 -6.01
C ILE F 51 32.27 -33.14 -6.94
N SER F 52 33.52 -33.46 -7.29
CA SER F 52 33.81 -34.58 -8.17
C SER F 52 33.47 -35.91 -7.52
N SER F 53 33.24 -36.93 -8.34
CA SER F 53 32.78 -38.23 -7.87
C SER F 53 33.68 -38.84 -6.78
N GLY F 54 34.98 -38.59 -6.88
CA GLY F 54 35.92 -39.12 -5.90
C GLY F 54 36.21 -38.17 -4.76
N GLY F 55 35.69 -36.95 -4.84
CA GLY F 55 35.91 -35.98 -3.79
C GLY F 55 37.19 -35.19 -4.03
N THR F 56 37.88 -35.51 -5.11
CA THR F 56 39.18 -34.90 -5.41
C THR F 56 39.10 -33.41 -5.71
N TYR F 57 38.08 -33.01 -6.46
CA TYR F 57 37.97 -31.62 -6.85
C TYR F 57 36.68 -30.96 -6.36
N THR F 58 36.75 -29.71 -5.97
CA THR F 58 35.54 -29.05 -5.56
C THR F 58 35.42 -27.76 -6.30
N TYR F 59 34.21 -27.26 -6.50
CA TYR F 59 34.09 -25.97 -7.15
C TYR F 59 33.16 -25.02 -6.47
N TYR F 60 33.46 -23.74 -6.55
CA TYR F 60 32.67 -22.78 -5.85
C TYR F 60 32.59 -21.50 -6.62
N PRO F 61 31.43 -20.87 -6.59
CA PRO F 61 31.20 -19.60 -7.27
C PRO F 61 31.82 -18.55 -6.44
N ASP F 62 32.15 -17.39 -6.97
CA ASP F 62 32.88 -16.44 -6.17
C ASP F 62 32.13 -16.03 -4.95
N SER F 63 30.80 -16.02 -5.02
CA SER F 63 30.00 -15.51 -3.94
C SER F 63 30.20 -16.28 -2.65
N VAL F 64 30.30 -17.58 -2.76
CA VAL F 64 30.36 -18.50 -1.63
C VAL F 64 31.79 -18.98 -1.37
N LYS F 65 32.72 -18.59 -2.20
CA LYS F 65 34.02 -19.15 -2.06
C LYS F 65 34.52 -18.75 -0.71
N GLY F 66 35.06 -19.71 0.00
CA GLY F 66 35.78 -19.45 1.22
C GLY F 66 34.81 -19.45 2.36
N ARG F 67 33.60 -18.99 2.09
CA ARG F 67 32.50 -19.17 3.00
C ARG F 67 31.99 -20.59 3.06
N PHE F 68 31.87 -21.23 1.92
CA PHE F 68 31.21 -22.52 1.84
C PHE F 68 32.16 -23.64 1.58
N THR F 69 31.90 -24.77 2.20
CA THR F 69 32.68 -25.95 1.96
C THR F 69 31.81 -27.16 1.71
N ILE F 70 32.08 -27.92 0.65
CA ILE F 70 31.23 -29.04 0.30
C ILE F 70 31.94 -30.38 0.39
N SER F 71 31.24 -31.40 0.84
CA SER F 71 31.86 -32.68 1.07
C SER F 71 30.95 -33.81 0.70
N ARG F 72 31.51 -34.99 0.49
CA ARG F 72 30.72 -36.18 0.29
C ARG F 72 31.35 -37.35 0.98
N ASP F 73 30.52 -38.28 1.41
CA ASP F 73 30.95 -39.54 1.99
C ASP F 73 30.43 -40.68 1.14
N ASN F 74 31.29 -41.25 0.31
CA ASN F 74 30.88 -42.23 -0.67
C ASN F 74 30.34 -43.48 -0.06
N ALA F 75 30.96 -43.92 1.01
CA ALA F 75 30.52 -45.10 1.68
C ALA F 75 29.14 -44.85 2.19
N GLU F 76 28.94 -43.63 2.67
CA GLU F 76 27.73 -43.24 3.38
C GLU F 76 26.59 -42.83 2.48
N ASN F 77 26.87 -42.65 1.20
CA ASN F 77 25.80 -42.28 0.33
C ASN F 77 25.12 -41.02 0.79
N THR F 78 25.90 -40.03 1.16
CA THR F 78 25.33 -38.73 1.46
C THR F 78 26.32 -37.63 1.17
N LEU F 79 25.80 -36.42 1.01
CA LEU F 79 26.59 -35.31 0.57
C LEU F 79 26.28 -34.16 1.48
N TYR F 80 27.26 -33.30 1.69
CA TYR F 80 27.21 -32.32 2.75
C TYR F 80 27.53 -30.95 2.29
N LEU F 81 26.83 -29.98 2.86
CA LEU F 81 27.19 -28.59 2.68
C LEU F 81 27.29 -27.97 4.04
N GLN F 82 28.40 -27.32 4.30
CA GLN F 82 28.61 -26.63 5.54
C GLN F 82 28.88 -25.21 5.18
N MET F 83 28.16 -24.30 5.82
CA MET F 83 28.25 -22.92 5.43
C MET F 83 28.55 -22.04 6.60
N SER F 84 29.29 -20.97 6.36
CA SER F 84 29.81 -20.10 7.38
C SER F 84 29.81 -18.64 6.96
N SER F 85 29.93 -17.73 7.90
CA SER F 85 29.92 -16.29 7.62
C SER F 85 28.67 -15.92 6.81
N LEU F 86 27.55 -16.51 7.21
CA LEU F 86 26.29 -16.40 6.48
C LEU F 86 25.77 -14.97 6.42
N ARG F 87 25.24 -14.59 5.27
CA ARG F 87 24.62 -13.28 5.10
C ARG F 87 23.16 -13.47 4.74
N SER F 88 22.38 -12.42 4.73
CA SER F 88 20.97 -12.53 4.40
C SER F 88 20.78 -13.08 2.99
N GLU F 89 21.69 -12.72 2.09
CA GLU F 89 21.55 -13.08 0.69
C GLU F 89 21.55 -14.59 0.51
N ASP F 90 22.29 -15.26 1.37
CA ASP F 90 22.41 -16.70 1.33
C ASP F 90 21.07 -17.36 1.61
N THR F 91 20.15 -16.60 2.18
CA THR F 91 18.83 -17.14 2.45
C THR F 91 18.02 -17.52 1.24
N ALA F 92 17.64 -18.79 1.16
CA ALA F 92 17.18 -19.40 -0.06
C ALA F 92 16.73 -20.80 0.20
N MET F 93 16.49 -21.55 -0.87
CA MET F 93 15.97 -22.90 -0.78
C MET F 93 17.08 -23.71 -1.40
N TYR F 94 17.56 -24.72 -0.68
CA TYR F 94 18.75 -25.45 -1.08
C TYR F 94 18.44 -26.84 -1.56
N TYR F 95 19.06 -27.20 -2.68
CA TYR F 95 18.73 -28.40 -3.41
C TYR F 95 19.86 -29.38 -3.62
N CYS F 96 19.62 -30.66 -3.32
CA CYS F 96 20.56 -31.76 -3.51
C CYS F 96 20.43 -32.10 -4.96
N VAL F 97 21.48 -32.08 -5.74
CA VAL F 97 21.26 -32.28 -7.16
C VAL F 97 22.28 -33.20 -7.76
N ARG F 98 21.93 -33.93 -8.79
CA ARG F 98 22.86 -34.88 -9.35
C ARG F 98 23.45 -34.37 -10.64
N ASP F 99 24.75 -34.20 -10.67
CA ASP F 99 25.40 -33.59 -11.80
C ASP F 99 25.93 -34.56 -12.83
N GLY F 100 26.36 -33.99 -13.94
CA GLY F 100 26.84 -34.72 -15.07
C GLY F 100 27.20 -33.65 -16.05
N ASN F 101 26.62 -33.68 -17.24
CA ASN F 101 26.76 -32.56 -18.14
C ASN F 101 25.53 -31.77 -17.96
N SER F 102 24.66 -32.26 -17.11
CA SER F 102 23.42 -31.61 -16.87
C SER F 102 23.00 -32.11 -15.54
N MET F 103 22.09 -31.45 -14.86
CA MET F 103 21.70 -31.91 -13.55
C MET F 103 20.50 -32.77 -13.71
N ASP F 104 20.62 -34.08 -13.56
CA ASP F 104 19.46 -34.91 -13.87
C ASP F 104 18.37 -34.92 -12.86
N TYR F 105 18.69 -35.06 -11.60
CA TYR F 105 17.66 -35.29 -10.63
C TYR F 105 17.81 -34.33 -9.50
N TRP F 106 16.71 -33.83 -8.96
CA TRP F 106 16.75 -32.80 -7.94
C TRP F 106 16.04 -33.14 -6.69
N GLY F 107 16.64 -32.76 -5.58
CA GLY F 107 16.04 -32.94 -4.27
C GLY F 107 14.93 -31.97 -4.02
N GLN F 108 14.03 -32.30 -3.11
CA GLN F 108 12.91 -31.43 -2.86
C GLN F 108 13.35 -30.16 -2.18
N GLY F 109 14.57 -30.13 -1.68
CA GLY F 109 15.15 -28.89 -1.18
C GLY F 109 14.80 -28.63 0.25
N THR F 110 15.64 -27.87 0.94
CA THR F 110 15.40 -27.54 2.33
C THR F 110 15.66 -26.06 2.64
N SER F 111 14.67 -25.36 3.17
CA SER F 111 14.75 -23.93 3.32
C SER F 111 15.81 -23.50 4.28
N VAL F 112 16.55 -22.47 3.93
CA VAL F 112 17.48 -21.88 4.86
C VAL F 112 17.20 -20.41 4.93
N THR F 113 17.03 -19.86 6.13
CA THR F 113 16.72 -18.45 6.31
C THR F 113 17.79 -17.80 7.15
N VAL F 114 18.35 -16.69 6.70
CA VAL F 114 19.40 -16.06 7.47
C VAL F 114 18.98 -14.68 7.93
N SER F 115 18.84 -14.52 9.24
CA SER F 115 18.35 -13.30 9.83
C SER F 115 18.63 -13.19 11.32
N SER F 116 18.54 -11.98 11.84
CA SER F 116 18.75 -11.71 13.26
C SER F 116 17.43 -11.86 14.01
N ALA F 117 16.33 -11.83 13.25
CA ALA F 117 15.00 -11.96 13.81
C ALA F 117 14.84 -13.25 14.59
N LYS F 118 13.93 -13.22 15.57
CA LYS F 118 13.74 -14.32 16.50
C LYS F 118 12.56 -15.22 16.13
N THR F 119 12.59 -16.47 16.49
CA THR F 119 11.48 -17.28 16.14
C THR F 119 10.24 -16.75 16.81
N THR F 120 9.12 -16.80 16.15
CA THR F 120 7.88 -16.44 16.78
C THR F 120 6.83 -17.37 16.32
N ALA F 121 5.85 -17.61 17.16
CA ALA F 121 4.87 -18.60 16.85
C ALA F 121 3.61 -17.92 16.40
N PRO F 122 3.08 -18.39 15.29
CA PRO F 122 2.00 -17.77 14.57
C PRO F 122 0.81 -17.86 15.40
N SER F 123 -0.12 -16.93 15.32
CA SER F 123 -1.33 -17.04 16.07
C SER F 123 -2.42 -17.21 15.07
N VAL F 124 -3.28 -18.19 15.29
CA VAL F 124 -4.22 -18.67 14.29
C VAL F 124 -5.62 -18.24 14.57
N TYR F 125 -6.32 -17.67 13.60
CA TYR F 125 -7.67 -17.20 13.83
C TYR F 125 -8.56 -17.65 12.73
N PRO F 126 -9.84 -17.77 13.00
CA PRO F 126 -10.78 -18.42 12.10
C PRO F 126 -11.83 -17.47 11.66
N LEU F 127 -12.13 -17.50 10.38
CA LEU F 127 -13.01 -16.55 9.81
C LEU F 127 -14.19 -17.30 9.31
N ALA F 128 -15.37 -16.84 9.67
CA ALA F 128 -16.59 -17.49 9.31
C ALA F 128 -17.38 -16.39 8.73
N PRO F 129 -18.21 -16.71 7.78
CA PRO F 129 -18.88 -15.70 6.97
C PRO F 129 -19.76 -14.81 7.78
N VAL F 130 -19.70 -13.56 7.45
CA VAL F 130 -20.48 -12.54 8.13
C VAL F 130 -21.92 -13.00 8.33
N CYS F 131 -22.51 -12.63 9.47
CA CYS F 131 -23.93 -12.90 9.74
C CYS F 131 -24.82 -12.20 8.70
N THR F 135 -28.39 -17.91 2.10
CA THR F 135 -26.96 -17.63 1.97
C THR F 135 -26.49 -17.83 0.53
N GLY F 136 -26.78 -18.99 -0.05
CA GLY F 136 -26.36 -19.30 -1.40
C GLY F 136 -26.16 -20.79 -1.63
N SER F 137 -25.51 -21.15 -2.74
CA SER F 137 -25.27 -22.55 -3.06
C SER F 137 -23.98 -23.06 -2.43
N SER F 138 -23.09 -22.14 -2.08
CA SER F 138 -21.83 -22.49 -1.44
C SER F 138 -21.44 -21.48 -0.37
N VAL F 139 -20.52 -21.89 0.51
CA VAL F 139 -19.97 -20.99 1.51
C VAL F 139 -18.45 -21.06 1.49
N THR F 140 -17.81 -19.94 1.76
CA THR F 140 -16.36 -19.90 1.84
C THR F 140 -15.94 -19.64 3.28
N LEU F 141 -14.98 -20.43 3.75
CA LEU F 141 -14.42 -20.24 5.08
C LEU F 141 -12.97 -19.82 4.93
N GLY F 142 -12.40 -19.28 6.00
CA GLY F 142 -11.01 -18.85 5.96
C GLY F 142 -10.26 -19.24 7.21
N CYS F 143 -8.94 -19.16 7.13
CA CYS F 143 -8.06 -19.39 8.27
C CYS F 143 -6.91 -18.41 8.21
N LEU F 144 -6.66 -17.69 9.30
CA LEU F 144 -5.63 -16.67 9.30
C LEU F 144 -4.48 -17.05 10.21
N VAL F 145 -3.29 -17.25 9.62
CA VAL F 145 -2.09 -17.58 10.38
C VAL F 145 -1.18 -16.36 10.44
N LYS F 146 -1.16 -15.71 11.58
CA LYS F 146 -0.64 -14.35 11.67
C LYS F 146 0.55 -14.18 12.56
N GLY F 147 1.53 -13.42 12.12
CA GLY F 147 2.71 -13.21 12.93
C GLY F 147 3.54 -14.38 13.37
N TYR F 148 4.18 -15.05 12.43
CA TYR F 148 5.05 -16.15 12.76
C TYR F 148 6.38 -16.10 12.07
N PHE F 149 7.40 -16.75 12.62
CA PHE F 149 8.71 -16.81 11.99
C PHE F 149 9.52 -18.01 12.45
N PRO F 150 10.39 -18.51 11.61
CA PRO F 150 10.50 -18.14 10.22
C PRO F 150 9.61 -19.04 9.39
N GLU F 151 9.63 -18.91 8.08
CA GLU F 151 8.83 -19.76 7.23
C GLU F 151 9.43 -21.05 7.65
N PRO F 152 8.65 -22.11 7.73
CA PRO F 152 7.41 -22.26 6.99
C PRO F 152 6.46 -22.92 7.89
N VAL F 153 5.19 -22.77 7.62
CA VAL F 153 4.20 -23.41 8.42
C VAL F 153 3.31 -24.09 7.46
N THR F 154 2.92 -25.31 7.79
CA THR F 154 2.11 -26.08 6.90
C THR F 154 0.79 -26.16 7.57
N LEU F 155 -0.26 -25.92 6.81
CA LEU F 155 -1.58 -25.85 7.38
C LEU F 155 -2.33 -26.81 6.55
N THR F 156 -3.45 -27.27 7.07
CA THR F 156 -4.30 -28.22 6.37
C THR F 156 -5.71 -28.06 6.87
N TRP F 157 -6.68 -28.58 6.14
CA TRP F 157 -8.05 -28.54 6.60
C TRP F 157 -8.52 -29.92 6.91
N ASN F 158 -8.99 -30.12 8.14
CA ASN F 158 -9.51 -31.43 8.52
C ASN F 158 -8.48 -32.52 8.28
N SER F 159 -7.25 -32.20 8.62
CA SER F 159 -6.11 -33.12 8.58
C SER F 159 -5.78 -33.64 7.18
N GLY F 160 -6.16 -32.88 6.16
CA GLY F 160 -5.81 -33.22 4.79
C GLY F 160 -6.93 -33.78 3.94
N SER F 161 -8.04 -34.14 4.59
CA SER F 161 -9.18 -34.74 3.87
C SER F 161 -9.91 -33.74 2.97
N LEU F 162 -9.91 -32.47 3.37
CA LEU F 162 -10.53 -31.43 2.56
C LEU F 162 -9.50 -30.65 1.75
N SER F 163 -9.37 -30.99 0.48
CA SER F 163 -8.33 -30.43 -0.39
C SER F 163 -8.86 -29.71 -1.63
N SER F 164 -10.12 -29.93 -1.98
CA SER F 164 -10.65 -29.44 -3.25
C SER F 164 -10.97 -27.96 -3.28
N GLY F 165 -11.81 -27.49 -2.37
CA GLY F 165 -12.19 -26.08 -2.35
C GLY F 165 -11.20 -25.19 -1.64
N VAL F 166 -9.94 -25.64 -1.57
CA VAL F 166 -8.92 -24.93 -0.81
C VAL F 166 -8.01 -24.06 -1.66
N HIS F 167 -7.79 -22.82 -1.19
CA HIS F 167 -6.76 -21.95 -1.73
C HIS F 167 -5.86 -21.48 -0.59
N THR F 168 -4.66 -22.04 -0.51
CA THR F 168 -3.70 -21.63 0.51
C THR F 168 -2.67 -20.70 -0.13
N PHE F 169 -2.66 -19.46 0.31
CA PHE F 169 -1.90 -18.40 -0.34
C PHE F 169 -0.49 -18.28 0.20
N PRO F 170 0.46 -17.91 -0.67
CA PRO F 170 1.86 -17.70 -0.29
C PRO F 170 1.97 -16.77 0.92
N ALA F 171 2.83 -17.09 1.86
CA ALA F 171 2.98 -16.26 3.01
C ALA F 171 3.59 -14.97 2.59
N VAL F 172 3.24 -13.92 3.29
CA VAL F 172 3.69 -12.60 2.96
C VAL F 172 4.40 -12.07 4.18
N LEU F 173 5.60 -11.55 4.00
CA LEU F 173 6.43 -11.16 5.13
C LEU F 173 6.33 -9.71 5.30
N GLN F 174 6.01 -9.30 6.50
CA GLN F 174 5.89 -7.91 6.79
C GLN F 174 7.01 -7.57 7.71
N SER F 175 7.95 -6.79 7.26
CA SER F 175 8.91 -6.37 8.22
C SER F 175 9.31 -7.67 8.82
N ASP F 176 9.14 -7.73 10.13
CA ASP F 176 9.50 -8.88 10.94
C ASP F 176 8.80 -10.24 10.86
N LEU F 177 7.50 -10.27 10.63
CA LEU F 177 6.69 -11.47 10.77
C LEU F 177 5.88 -11.89 9.56
N TYR F 178 5.68 -13.19 9.42
CA TYR F 178 4.96 -13.72 8.26
C TYR F 178 3.46 -13.78 8.53
N THR F 179 2.64 -13.59 7.51
CA THR F 179 1.21 -13.84 7.61
C THR F 179 0.75 -14.62 6.42
N LEU F 180 -0.12 -15.59 6.59
CA LEU F 180 -0.58 -16.37 5.46
C LEU F 180 -2.01 -16.68 5.68
N SER F 181 -2.78 -16.90 4.63
CA SER F 181 -4.15 -17.26 4.83
C SER F 181 -4.58 -18.26 3.80
N SER F 182 -5.59 -19.05 4.14
CA SER F 182 -6.14 -20.05 3.24
C SER F 182 -7.64 -20.02 3.29
N SER F 183 -8.29 -20.21 2.15
CA SER F 183 -9.74 -20.21 2.06
C SER F 183 -10.23 -21.58 1.61
N VAL F 184 -11.38 -21.97 2.13
CA VAL F 184 -11.97 -23.22 1.70
C VAL F 184 -13.43 -23.00 1.37
N THR F 185 -13.82 -23.40 0.16
CA THR F 185 -15.19 -23.25 -0.29
C THR F 185 -15.84 -24.62 -0.48
N VAL F 186 -16.95 -24.83 0.22
CA VAL F 186 -17.72 -26.06 0.11
C VAL F 186 -19.17 -25.68 -0.11
N THR F 187 -20.03 -26.68 -0.33
CA THR F 187 -21.44 -26.41 -0.54
C THR F 187 -22.10 -25.93 0.75
N SER F 188 -23.23 -25.24 0.63
CA SER F 188 -23.95 -24.71 1.78
C SER F 188 -24.44 -25.80 2.72
N SER F 189 -24.75 -26.97 2.17
CA SER F 189 -25.24 -28.07 2.98
C SER F 189 -24.11 -28.80 3.72
N THR F 190 -22.89 -28.62 3.27
CA THR F 190 -21.80 -29.22 3.98
C THR F 190 -21.63 -28.66 5.37
N TRP F 191 -21.77 -27.36 5.52
CA TRP F 191 -21.48 -26.69 6.79
C TRP F 191 -22.47 -25.62 7.02
N PRO F 192 -22.76 -25.30 8.27
CA PRO F 192 -22.06 -25.83 9.46
C PRO F 192 -22.30 -27.28 9.79
N SER F 193 -23.25 -27.92 9.12
CA SER F 193 -23.79 -29.14 9.64
C SER F 193 -22.69 -30.14 9.84
N GLN F 194 -21.80 -30.25 8.88
CA GLN F 194 -20.60 -31.02 9.13
C GLN F 194 -19.59 -30.05 9.74
N SER F 195 -18.49 -30.55 10.30
CA SER F 195 -17.53 -29.65 10.93
C SER F 195 -16.09 -29.68 10.42
N ILE F 196 -15.63 -28.46 10.15
CA ILE F 196 -14.46 -28.04 9.38
C ILE F 196 -13.43 -27.42 10.32
N THR F 197 -12.22 -27.97 10.33
CA THR F 197 -11.17 -27.50 11.22
C THR F 197 -9.90 -27.14 10.46
N CYS F 198 -9.31 -26.01 10.82
CA CYS F 198 -8.05 -25.57 10.21
C CYS F 198 -6.88 -26.11 11.04
N ASN F 199 -5.93 -26.75 10.37
CA ASN F 199 -4.78 -27.33 11.05
C ASN F 199 -3.49 -26.60 10.66
N VAL F 200 -2.80 -26.05 11.66
CA VAL F 200 -1.60 -25.28 11.39
C VAL F 200 -0.42 -25.82 12.19
N ALA F 201 0.70 -26.04 11.51
CA ALA F 201 1.90 -26.52 12.17
C ALA F 201 3.06 -25.55 11.93
N HIS F 202 3.75 -25.18 13.01
CA HIS F 202 4.92 -24.35 12.91
C HIS F 202 6.08 -25.06 13.61
N PRO F 203 6.81 -25.88 12.86
CA PRO F 203 7.90 -26.74 13.38
C PRO F 203 8.96 -25.96 14.13
N ALA F 204 9.34 -24.80 13.59
CA ALA F 204 10.39 -23.96 14.16
C ALA F 204 10.13 -23.56 15.62
N SER F 205 8.86 -23.38 15.96
CA SER F 205 8.48 -23.03 17.33
C SER F 205 7.84 -24.21 18.04
N SER F 206 7.92 -25.38 17.41
CA SER F 206 7.43 -26.59 18.01
C SER F 206 6.00 -26.28 18.35
N THR F 207 5.36 -25.58 17.44
CA THR F 207 4.05 -25.04 17.67
C THR F 207 3.10 -25.74 16.73
N LYS F 208 2.05 -26.35 17.29
CA LYS F 208 1.03 -27.01 16.50
C LYS F 208 -0.32 -26.56 16.97
N VAL F 209 -1.21 -26.18 16.08
CA VAL F 209 -2.52 -25.74 16.52
C VAL F 209 -3.65 -26.16 15.62
N ASP F 210 -4.83 -26.18 16.19
CA ASP F 210 -6.01 -26.62 15.52
C ASP F 210 -6.94 -25.49 15.68
N LYS F 211 -7.93 -25.34 14.82
CA LYS F 211 -8.95 -24.33 15.10
C LYS F 211 -10.20 -24.53 14.30
N LYS F 212 -11.33 -24.39 14.98
CA LYS F 212 -12.60 -24.77 14.42
C LYS F 212 -13.52 -23.59 14.22
N ILE F 213 -13.94 -23.42 12.99
CA ILE F 213 -14.82 -22.36 12.62
C ILE F 213 -16.14 -22.58 13.31
N GLU F 214 -16.80 -21.53 13.76
CA GLU F 214 -18.16 -21.67 14.25
C GLU F 214 -18.93 -20.44 13.90
N PRO F 215 -20.18 -20.58 13.56
CA PRO F 215 -20.88 -19.54 12.84
C PRO F 215 -20.91 -18.28 13.61
N ARG F 216 -21.13 -18.34 14.90
CA ARG F 216 -21.26 -17.10 15.64
C ARG F 216 -19.94 -16.37 15.59
#